data_6CMI
#
_entry.id   6CMI
#
_cell.length_a   89.275
_cell.length_b   148.533
_cell.length_c   185.485
_cell.angle_alpha   90.00
_cell.angle_beta   90.00
_cell.angle_gamma   90.00
#
_symmetry.space_group_name_H-M   'I 2 2 2'
#
loop_
_entity.id
_entity.type
_entity.pdbx_description
1 polymer 'Glycoprotein G'
2 polymer 'm102.3 light chain'
3 polymer 'IgG Heavy chain'
4 branched 2-acetamido-2-deoxy-beta-D-glucopyranose-(1-4)-2-acetamido-2-deoxy-beta-D-glucopyranose
5 branched alpha-D-mannopyranose-(1-3)-beta-D-mannopyranose-(1-4)-2-acetamido-2-deoxy-beta-D-glucopyranose-(1-4)-[alpha-L-fucopyranose-(1-3)][alpha-L-fucopyranose-(1-6)]2-acetamido-2-deoxy-beta-D-glucopyranose
6 non-polymer 2-acetamido-2-deoxy-beta-D-glucopyranose
7 water water
#
loop_
_entity_poly.entity_id
_entity_poly.type
_entity_poly.pdbx_seq_one_letter_code
_entity_poly.pdbx_strand_id
1 'polypeptide(L)'
;QGVSDLVGLPNQICLQKTTSTILKPRLISYTLPINTREGVCITDPLLAVDNGFFAYSHLEKIGSCTRGIAKQRIIGVGEV
LDRGDKVPSMFMTNVWTPPNPSTIHHCSSTYHEDFYYTLCAVSHVGDPILNSTSWTESLSLIRLAVRPKSDSGDYNQKYI
AITKVERGKYDKVMPYGPSGIKQGDTLYFPAVGFLPRTEFQYNDSNCPIIHCKYSKAENCRLSMGVNSKSHYILRSGLLK
YNLSLGGDIILQFIEIADNRLTIGSPSKIYNSLGQPVFYQASYSWDTMIKLGDVDTVDPLRVQWRNNSVISRPGQSQCPR
FNVCPEVCWEGTYNDAFLIDRLNWVSAGVYLNSNQTAENPVFAVFKDNEILYQVPLAEDDTNAQKTITDCFLLENVIWCI
SLVEIYDTGDSVIRPKLFAVKIPAQCSE
;
B
2 'polypeptide(L)'
;EIVMTQSPGTPSLSPGERATLSCRASQSIRSTYLAWYQQKPGQAPRLLIYGASSRATGIPDRFSGSGSGTDFTLTISRLE
PEDFAVYYCQQYGRSPSFGQGTKVEIKRTVAAPSVFIFPPSDEQLKSGTASVVCLLNNFYPREAKVQWKVDNALQSGNSQ
ESVTEQDSKDSTYSLSSTLTLSKADYEKHKLYACEVTHQGLSSPVTKSFNRGEC
;
C
3 'polypeptide(L)'
;EVQLVQSGAEVKKRGSSVKVSCKSSGGTFSNYAINWVRQAPGQGLEWMGGIIPILGIANYAQKFQGRVTITTDESTSTAY
MELSSLRSEDTAVYYCARGWGREQLAPHPSQYYYYYYGMDVWGQGTTVTVSSASTKGPSVFPLAPSSKSTSGGTAALGCL
VKDYFPEPVTVSWNSGALTSGVHTFPAVLQSSGLYSLSSVVTVPSSSLGTQTYICNVNHKPSNTKVDKKVEPKSC
;
D
#
loop_
_chem_comp.id
_chem_comp.type
_chem_comp.name
_chem_comp.formula
BMA D-saccharide, beta linking beta-D-mannopyranose 'C6 H12 O6'
FUC L-saccharide, alpha linking alpha-L-fucopyranose 'C6 H12 O5'
MAN D-saccharide, alpha linking alpha-D-mannopyranose 'C6 H12 O6'
NAG D-saccharide, beta linking 2-acetamido-2-deoxy-beta-D-glucopyranose 'C8 H15 N O6'
#
# COMPACT_ATOMS: atom_id res chain seq x y z
N GLN A 1 -13.54 28.13 40.14
CA GLN A 1 -14.15 26.83 40.38
C GLN A 1 -13.12 25.75 39.96
N GLY A 2 -13.57 24.86 39.08
CA GLY A 2 -12.79 23.77 38.54
C GLY A 2 -13.61 23.22 37.39
N VAL A 3 -13.54 21.92 37.09
CA VAL A 3 -14.20 21.39 35.90
C VAL A 3 -15.43 20.56 36.32
N SER A 4 -16.57 20.90 35.75
CA SER A 4 -17.86 20.38 36.18
C SER A 4 -18.57 19.69 35.01
N ASP A 5 -19.56 18.86 35.36
CA ASP A 5 -20.41 18.28 34.33
C ASP A 5 -21.15 19.38 33.58
N LEU A 6 -21.36 19.17 32.29
CA LEU A 6 -22.08 20.15 31.47
C LEU A 6 -23.55 20.08 31.86
N VAL A 7 -23.98 21.04 32.69
CA VAL A 7 -25.31 21.04 33.26
C VAL A 7 -25.63 22.46 33.67
N GLY A 8 -26.92 22.79 33.73
CA GLY A 8 -27.32 24.15 34.06
C GLY A 8 -27.21 25.06 32.84
N LEU A 9 -26.99 26.34 33.11
CA LEU A 9 -26.93 27.34 32.05
C LEU A 9 -25.48 27.74 31.78
N PRO A 10 -24.84 27.20 30.75
CA PRO A 10 -23.44 27.52 30.47
C PRO A 10 -23.29 28.70 29.50
N ASN A 11 -22.03 29.10 29.31
CA ASN A 11 -21.73 30.29 28.52
C ASN A 11 -22.10 30.09 27.05
N GLN A 12 -22.77 31.10 26.49
CA GLN A 12 -23.24 31.11 25.10
C GLN A 12 -22.13 30.78 24.09
N ILE A 13 -22.52 30.20 22.93
CA ILE A 13 -21.65 29.73 21.84
C ILE A 13 -22.21 30.24 20.50
N CYS A 14 -21.37 30.50 19.53
CA CYS A 14 -21.88 30.90 18.21
C CYS A 14 -22.77 29.81 17.66
N LEU A 15 -23.97 30.20 17.25
CA LEU A 15 -24.99 29.26 16.82
C LEU A 15 -25.20 29.34 15.33
N GLN A 16 -24.29 29.98 14.60
CA GLN A 16 -24.45 30.23 13.18
C GLN A 16 -23.28 29.65 12.39
N LYS A 17 -23.55 29.25 11.16
CA LYS A 17 -22.56 28.58 10.33
C LYS A 17 -21.51 29.58 9.85
N THR A 18 -20.24 29.27 10.10
CA THR A 18 -19.13 30.11 9.66
C THR A 18 -17.97 29.24 9.21
N THR A 19 -17.32 29.65 8.12
CA THR A 19 -16.19 28.93 7.56
C THR A 19 -14.85 29.41 8.10
N SER A 20 -14.85 30.37 9.01
CA SER A 20 -13.60 30.93 9.55
C SER A 20 -13.20 30.21 10.83
N THR A 21 -11.88 30.02 10.98
CA THR A 21 -11.35 29.16 12.04
C THR A 21 -11.51 29.79 13.42
N ILE A 22 -12.65 29.54 14.07
CA ILE A 22 -12.90 30.05 15.41
C ILE A 22 -12.71 28.98 16.49
N LEU A 23 -12.33 27.76 16.11
CA LEU A 23 -11.93 26.72 17.04
C LEU A 23 -10.43 26.50 16.91
N LYS A 24 -9.71 26.58 18.03
CA LYS A 24 -8.28 26.27 18.02
C LYS A 24 -7.96 25.15 19.01
N PRO A 25 -7.70 23.95 18.52
CA PRO A 25 -7.35 22.83 19.41
C PRO A 25 -6.10 23.10 20.23
N ARG A 26 -6.06 22.50 21.41
CA ARG A 26 -4.87 22.43 22.26
C ARG A 26 -4.50 20.96 22.46
N LEU A 27 -3.26 20.61 22.14
CA LEU A 27 -2.79 19.24 22.32
C LEU A 27 -2.43 19.01 23.78
N ILE A 28 -3.02 17.97 24.38
CA ILE A 28 -2.72 17.63 25.77
C ILE A 28 -2.33 16.17 25.88
N SER A 29 -1.72 15.61 24.82
CA SER A 29 -1.36 14.19 24.82
C SER A 29 -0.22 13.88 25.79
N TYR A 30 0.58 14.87 26.16
CA TYR A 30 1.69 14.66 27.08
C TYR A 30 1.22 14.34 28.50
N THR A 31 -0.06 14.54 28.79
CA THR A 31 -0.58 14.33 30.13
C THR A 31 -0.98 12.89 30.41
N LEU A 32 -1.18 12.08 29.38
CA LEU A 32 -1.43 10.66 29.54
C LEU A 32 -0.15 9.86 29.35
N PRO A 33 -0.05 8.66 29.94
CA PRO A 33 1.21 7.91 29.93
C PRO A 33 1.41 7.11 28.65
N ILE A 34 1.54 7.81 27.53
CA ILE A 34 1.89 7.20 26.25
C ILE A 34 3.38 7.41 26.08
N ASN A 35 4.17 6.43 26.50
CA ASN A 35 5.62 6.51 26.37
C ASN A 35 6.00 5.84 25.06
N THR A 36 6.31 6.66 24.06
CA THR A 36 6.62 6.17 22.73
C THR A 36 7.90 5.33 22.75
N ARG A 37 7.90 4.28 21.92
CA ARG A 37 9.11 3.53 21.62
C ARG A 37 8.93 2.93 20.23
N GLU A 38 10.00 2.88 19.46
CA GLU A 38 9.90 2.44 18.08
C GLU A 38 9.40 1.00 18.00
N GLY A 39 8.35 0.78 17.23
CA GLY A 39 7.83 -0.55 17.01
C GLY A 39 6.85 -1.08 18.03
N VAL A 40 6.11 -0.19 18.72
CA VAL A 40 5.08 -0.62 19.65
C VAL A 40 3.79 0.12 19.31
N CYS A 41 2.75 -0.63 18.99
CA CYS A 41 1.44 -0.04 18.71
C CYS A 41 0.70 0.18 20.02
N ILE A 42 -0.16 1.19 20.06
CA ILE A 42 -0.97 1.47 21.24
C ILE A 42 -2.42 1.61 20.78
N THR A 43 -3.26 0.65 21.17
CA THR A 43 -4.61 0.50 20.66
C THR A 43 -5.63 0.28 21.78
N ASP A 44 -6.85 -0.13 21.38
CA ASP A 44 -8.04 -0.24 22.23
C ASP A 44 -8.14 0.91 23.22
N PRO A 45 -8.03 2.16 22.77
CA PRO A 45 -8.06 3.27 23.72
C PRO A 45 -9.46 3.50 24.27
N LEU A 46 -9.51 4.06 25.47
CA LEU A 46 -10.76 4.41 26.13
C LEU A 46 -10.58 5.74 26.83
N LEU A 47 -11.60 6.59 26.73
CA LEU A 47 -11.63 7.87 27.44
C LEU A 47 -13.03 8.09 27.99
N ALA A 48 -13.08 8.49 29.25
CA ALA A 48 -14.31 8.96 29.89
C ALA A 48 -13.94 10.14 30.76
N VAL A 49 -14.82 11.14 30.84
CA VAL A 49 -14.66 12.21 31.82
C VAL A 49 -16.01 12.56 32.39
N ASP A 50 -16.15 12.43 33.71
CA ASP A 50 -17.37 12.72 34.44
C ASP A 50 -17.00 13.47 35.71
N ASN A 51 -17.69 14.59 35.96
CA ASN A 51 -17.62 15.30 37.24
C ASN A 51 -16.17 15.65 37.60
N GLY A 52 -15.42 16.13 36.62
CA GLY A 52 -14.07 16.55 36.89
C GLY A 52 -13.05 15.44 37.03
N PHE A 53 -13.45 14.18 36.88
CA PHE A 53 -12.53 13.07 36.88
C PHE A 53 -12.57 12.40 35.51
N PHE A 54 -11.62 11.51 35.28
CA PHE A 54 -11.51 10.86 33.98
C PHE A 54 -10.95 9.46 34.14
N ALA A 55 -11.30 8.62 33.17
CA ALA A 55 -10.78 7.27 33.01
C ALA A 55 -10.19 7.13 31.62
N TYR A 56 -9.13 6.34 31.54
CA TYR A 56 -8.38 6.15 30.30
C TYR A 56 -7.88 4.73 30.27
N SER A 57 -7.86 4.12 29.09
CA SER A 57 -7.27 2.80 28.97
C SER A 57 -6.58 2.64 27.64
N HIS A 58 -5.53 1.84 27.63
CA HIS A 58 -4.96 1.42 26.35
C HIS A 58 -4.28 0.07 26.51
N LEU A 59 -3.98 -0.54 25.36
CA LEU A 59 -3.19 -1.75 25.29
C LEU A 59 -2.06 -1.50 24.32
N GLU A 60 -0.82 -1.63 24.77
CA GLU A 60 0.33 -1.47 23.89
C GLU A 60 0.90 -2.84 23.57
N LYS A 61 1.11 -3.06 22.27
CA LYS A 61 1.61 -4.29 21.68
C LYS A 61 2.97 -4.01 21.04
N ILE A 62 3.74 -5.08 20.85
CA ILE A 62 5.03 -5.00 20.18
C ILE A 62 4.85 -5.48 18.76
N GLY A 63 5.14 -4.61 17.79
CA GLY A 63 4.97 -4.94 16.39
C GLY A 63 3.63 -4.44 15.88
N SER A 64 2.87 -5.32 15.24
CA SER A 64 1.61 -4.94 14.62
C SER A 64 0.55 -4.67 15.67
N CYS A 65 -0.53 -4.02 15.25
CA CYS A 65 -1.67 -3.82 16.13
C CYS A 65 -2.63 -5.00 16.11
N THR A 66 -2.71 -5.72 14.98
CA THR A 66 -3.51 -6.93 14.93
C THR A 66 -2.77 -8.12 15.52
N ARG A 67 -1.64 -8.50 14.92
CA ARG A 67 -0.90 -9.69 15.32
C ARG A 67 0.27 -9.39 16.24
N GLY A 68 0.38 -8.17 16.75
CA GLY A 68 1.44 -7.86 17.69
C GLY A 68 1.28 -8.63 18.99
N ILE A 69 2.38 -8.72 19.72
CA ILE A 69 2.39 -9.41 21.01
C ILE A 69 1.96 -8.41 22.07
N ALA A 70 0.87 -8.73 22.77
CA ALA A 70 0.35 -7.85 23.80
C ALA A 70 1.40 -7.64 24.88
N LYS A 71 1.85 -6.39 25.04
CA LYS A 71 2.85 -6.09 26.04
C LYS A 71 2.21 -5.63 27.35
N GLN A 72 1.33 -4.64 27.29
CA GLN A 72 0.80 -4.09 28.54
C GLN A 72 -0.57 -3.46 28.34
N ARG A 73 -1.54 -3.87 29.13
CA ARG A 73 -2.80 -3.17 29.27
C ARG A 73 -2.75 -2.27 30.49
N ILE A 74 -3.22 -1.04 30.35
CA ILE A 74 -3.35 -0.14 31.50
C ILE A 74 -4.74 0.46 31.52
N ILE A 75 -5.33 0.49 32.72
CA ILE A 75 -6.56 1.20 33.02
C ILE A 75 -6.23 2.22 34.10
N GLY A 76 -6.56 3.49 33.86
CA GLY A 76 -6.16 4.53 34.78
C GLY A 76 -7.26 5.56 34.94
N VAL A 77 -7.17 6.31 36.04
CA VAL A 77 -8.11 7.35 36.38
C VAL A 77 -7.36 8.52 37.00
N GLY A 78 -7.97 9.68 36.90
CA GLY A 78 -7.38 10.88 37.46
C GLY A 78 -8.35 12.03 37.45
N GLU A 79 -7.82 13.23 37.66
CA GLU A 79 -8.61 14.45 37.63
C GLU A 79 -8.31 15.27 36.39
N VAL A 80 -9.34 15.98 35.91
CA VAL A 80 -9.21 16.93 34.80
C VAL A 80 -9.11 18.31 35.43
N LEU A 81 -7.97 18.97 35.30
CA LEU A 81 -7.76 20.23 36.00
C LEU A 81 -7.21 21.30 35.06
N ASP A 82 -7.27 22.54 35.56
CA ASP A 82 -6.73 23.69 34.86
C ASP A 82 -5.20 23.64 34.88
N ARG A 83 -4.59 23.75 33.69
CA ARG A 83 -3.14 23.81 33.60
C ARG A 83 -2.56 25.02 34.29
N GLY A 84 -3.36 26.07 34.47
CA GLY A 84 -2.89 27.42 34.74
C GLY A 84 -3.18 28.35 33.59
N ASP A 85 -3.32 27.78 32.40
CA ASP A 85 -3.61 28.48 31.15
C ASP A 85 -5.11 28.58 30.89
N LYS A 86 -5.93 28.43 31.93
CA LYS A 86 -7.38 28.27 31.76
C LYS A 86 -7.69 27.27 30.65
N VAL A 87 -6.95 26.16 30.64
CA VAL A 87 -7.10 25.11 29.64
C VAL A 87 -7.14 23.76 30.37
N PRO A 88 -8.18 22.95 30.17
CA PRO A 88 -8.31 21.71 30.93
C PRO A 88 -7.30 20.66 30.51
N SER A 89 -6.88 19.84 31.47
CA SER A 89 -5.82 18.87 31.23
C SER A 89 -6.01 17.66 32.14
N MET A 90 -5.44 16.53 31.71
CA MET A 90 -5.53 15.27 32.45
C MET A 90 -4.36 15.12 33.40
N PHE A 91 -4.63 14.65 34.61
CA PHE A 91 -3.57 14.34 35.57
C PHE A 91 -3.88 13.00 36.22
N MET A 92 -3.05 12.00 35.94
CA MET A 92 -3.28 10.65 36.45
C MET A 92 -3.15 10.60 37.96
N THR A 93 -4.07 9.89 38.61
CA THR A 93 -3.94 9.59 40.03
C THR A 93 -3.76 8.11 40.32
N ASN A 94 -4.30 7.22 39.49
CA ASN A 94 -4.37 5.81 39.86
C ASN A 94 -4.40 4.94 38.61
N VAL A 95 -3.47 3.99 38.50
CA VAL A 95 -3.38 3.13 37.33
C VAL A 95 -3.24 1.67 37.76
N TRP A 96 -4.03 0.82 37.11
CA TRP A 96 -4.04 -0.62 37.27
C TRP A 96 -3.51 -1.27 36.01
N THR A 97 -2.80 -2.39 36.19
CA THR A 97 -2.18 -3.15 35.12
C THR A 97 -2.39 -4.63 35.37
N PRO A 98 -3.23 -5.29 34.58
CA PRO A 98 -3.47 -6.72 34.76
C PRO A 98 -2.20 -7.52 34.52
N PRO A 99 -2.13 -8.75 35.04
CA PRO A 99 -0.92 -9.55 34.85
C PRO A 99 -0.79 -10.13 33.45
N ASN A 100 -1.91 -10.41 32.80
CA ASN A 100 -1.91 -10.90 31.42
C ASN A 100 -2.70 -9.94 30.55
N PRO A 101 -2.03 -9.11 29.74
CA PRO A 101 -2.75 -8.07 28.98
C PRO A 101 -3.52 -8.61 27.79
N SER A 102 -3.14 -9.77 27.25
CA SER A 102 -3.85 -10.33 26.10
C SER A 102 -5.17 -10.98 26.48
N THR A 103 -5.59 -10.89 27.75
CA THR A 103 -6.78 -11.59 28.23
C THR A 103 -7.97 -10.68 28.43
N ILE A 104 -7.79 -9.37 28.32
CA ILE A 104 -8.79 -8.40 28.74
C ILE A 104 -9.23 -7.62 27.52
N HIS A 105 -10.54 -7.51 27.34
CA HIS A 105 -11.11 -6.97 26.14
C HIS A 105 -12.30 -6.08 26.45
N HIS A 106 -12.51 -5.08 25.60
CA HIS A 106 -13.77 -4.33 25.53
C HIS A 106 -14.13 -3.69 26.87
N CYS A 107 -13.18 -2.95 27.43
CA CYS A 107 -13.40 -2.28 28.70
C CYS A 107 -14.36 -1.10 28.52
N SER A 108 -14.98 -0.71 29.63
CA SER A 108 -15.98 0.35 29.62
C SER A 108 -16.07 0.94 31.02
N SER A 109 -15.93 2.26 31.12
CA SER A 109 -15.81 2.93 32.41
C SER A 109 -17.07 3.76 32.70
N THR A 110 -17.59 3.61 33.91
CA THR A 110 -18.70 4.42 34.40
C THR A 110 -18.31 5.01 35.74
N TYR A 111 -18.58 6.30 35.91
CA TYR A 111 -18.20 7.01 37.12
C TYR A 111 -19.32 6.98 38.15
N HIS A 112 -18.95 6.78 39.41
CA HIS A 112 -19.87 6.92 40.52
C HIS A 112 -19.04 7.36 41.71
N GLU A 113 -19.68 7.93 42.73
CA GLU A 113 -19.09 9.00 43.54
C GLU A 113 -17.57 8.91 43.77
N ASP A 114 -17.07 7.83 44.36
CA ASP A 114 -15.66 7.77 44.72
C ASP A 114 -14.78 7.05 43.72
N PHE A 115 -15.36 6.36 42.74
CA PHE A 115 -14.61 5.47 41.87
C PHE A 115 -15.05 5.61 40.41
N TYR A 116 -14.20 5.04 39.55
CA TYR A 116 -14.58 4.62 38.22
C TYR A 116 -14.66 3.10 38.25
N TYR A 117 -15.84 2.57 37.93
CA TYR A 117 -16.01 1.14 37.74
C TYR A 117 -15.80 0.83 36.27
N THR A 118 -14.87 -0.08 35.97
CA THR A 118 -14.52 -0.40 34.60
C THR A 118 -14.84 -1.87 34.36
N LEU A 119 -15.86 -2.11 33.55
CA LEU A 119 -16.32 -3.46 33.22
C LEU A 119 -15.61 -3.93 31.96
N CYS A 120 -15.00 -5.11 32.03
CA CYS A 120 -14.24 -5.67 30.91
C CYS A 120 -14.60 -7.13 30.71
N ALA A 121 -14.36 -7.61 29.51
CA ALA A 121 -14.49 -9.03 29.22
C ALA A 121 -13.16 -9.74 29.42
N VAL A 122 -13.23 -10.99 29.85
CA VAL A 122 -12.06 -11.84 30.00
C VAL A 122 -12.18 -12.98 29.00
N SER A 123 -11.14 -13.17 28.20
CA SER A 123 -11.19 -14.12 27.11
C SER A 123 -9.82 -14.74 26.91
N HIS A 124 -9.82 -16.05 26.65
CA HIS A 124 -8.62 -16.78 26.25
C HIS A 124 -8.69 -17.22 24.79
N VAL A 125 -9.62 -16.64 24.02
CA VAL A 125 -9.83 -16.97 22.62
C VAL A 125 -9.69 -15.74 21.73
N GLY A 126 -9.11 -14.66 22.25
CA GLY A 126 -9.00 -13.42 21.50
C GLY A 126 -10.23 -12.56 21.65
N ASP A 127 -10.45 -11.71 20.64
CA ASP A 127 -11.62 -10.82 20.64
C ASP A 127 -12.90 -11.65 20.58
N PRO A 128 -13.78 -11.55 21.57
CA PRO A 128 -15.05 -12.30 21.51
C PRO A 128 -15.87 -12.03 20.26
N ILE A 129 -15.79 -10.81 19.70
CA ILE A 129 -16.58 -10.48 18.52
C ILE A 129 -16.18 -11.37 17.34
N LEU A 130 -14.90 -11.69 17.22
CA LEU A 130 -14.41 -12.52 16.13
C LEU A 130 -14.31 -14.00 16.50
N ASN A 131 -14.56 -14.35 17.76
CA ASN A 131 -14.51 -15.73 18.21
C ASN A 131 -15.71 -16.01 19.12
N SER A 132 -16.91 -15.68 18.63
CA SER A 132 -18.09 -15.65 19.47
C SER A 132 -18.44 -17.02 20.04
N THR A 133 -18.36 -18.07 19.22
CA THR A 133 -18.80 -19.39 19.70
C THR A 133 -17.84 -19.95 20.75
N SER A 134 -16.54 -19.69 20.60
CA SER A 134 -15.55 -20.23 21.51
C SER A 134 -15.42 -19.44 22.80
N TRP A 135 -15.99 -18.24 22.87
CA TRP A 135 -15.82 -17.40 24.05
C TRP A 135 -16.80 -17.83 25.13
N THR A 136 -16.26 -18.18 26.29
CA THR A 136 -17.08 -18.42 27.48
C THR A 136 -17.26 -17.08 28.20
N GLU A 137 -18.51 -16.65 28.30
CA GLU A 137 -18.81 -15.35 28.90
C GLU A 137 -18.18 -15.23 30.27
N SER A 138 -17.28 -14.26 30.42
CA SER A 138 -16.57 -14.03 31.67
C SER A 138 -16.29 -12.54 31.78
N LEU A 139 -16.77 -11.92 32.85
CA LEU A 139 -16.69 -10.48 33.00
C LEU A 139 -15.97 -10.11 34.29
N SER A 140 -15.30 -8.96 34.24
CA SER A 140 -14.57 -8.41 35.38
C SER A 140 -14.98 -6.97 35.58
N LEU A 141 -14.84 -6.51 36.83
CA LEU A 141 -14.97 -5.09 37.15
C LEU A 141 -13.72 -4.67 37.92
N ILE A 142 -13.02 -3.68 37.38
CA ILE A 142 -11.91 -3.04 38.08
C ILE A 142 -12.43 -1.71 38.63
N ARG A 143 -12.51 -1.60 39.94
CA ARG A 143 -12.94 -0.39 40.60
C ARG A 143 -11.69 0.38 41.02
N LEU A 144 -11.58 1.62 40.55
CA LEU A 144 -10.41 2.44 40.84
C LEU A 144 -10.85 3.73 41.50
N ALA A 145 -10.19 4.08 42.60
CA ALA A 145 -10.46 5.33 43.29
C ALA A 145 -9.83 6.48 42.53
N VAL A 146 -10.59 7.56 42.33
CA VAL A 146 -10.04 8.74 41.69
C VAL A 146 -9.13 9.50 42.64
N ARG A 147 -9.34 9.38 43.95
CA ARG A 147 -8.51 9.99 44.97
C ARG A 147 -8.00 8.89 45.90
N PRO A 148 -6.88 8.25 45.56
CA PRO A 148 -6.38 7.15 46.40
C PRO A 148 -6.09 7.61 47.82
N LYS A 149 -6.05 6.64 48.74
CA LYS A 149 -5.82 6.91 50.14
C LYS A 149 -4.66 6.08 50.65
N SER A 150 -4.12 6.50 51.80
CA SER A 150 -2.79 6.07 52.22
C SER A 150 -2.77 4.60 52.65
N ASP A 151 -3.68 4.20 53.53
CA ASP A 151 -3.61 2.92 54.22
C ASP A 151 -4.96 2.20 54.17
N SER A 152 -5.52 2.11 52.96
CA SER A 152 -6.95 1.83 52.80
C SER A 152 -7.27 0.40 52.38
N GLY A 153 -6.27 -0.46 52.23
CA GLY A 153 -6.55 -1.82 51.78
C GLY A 153 -6.97 -1.87 50.31
N ASP A 154 -8.24 -2.20 50.05
CA ASP A 154 -8.72 -2.34 48.68
C ASP A 154 -9.54 -1.15 48.21
N TYR A 155 -9.56 -0.05 48.97
CA TYR A 155 -10.25 1.15 48.52
C TYR A 155 -9.63 1.70 47.26
N ASN A 156 -8.30 1.59 47.12
CA ASN A 156 -7.62 2.14 45.96
C ASN A 156 -7.95 1.34 44.70
N GLN A 157 -7.85 0.02 44.77
CA GLN A 157 -8.00 -0.83 43.59
C GLN A 157 -8.67 -2.14 43.99
N LYS A 158 -9.86 -2.41 43.45
CA LYS A 158 -10.52 -3.69 43.71
C LYS A 158 -10.92 -4.36 42.41
N TYR A 159 -10.43 -5.58 42.20
CA TYR A 159 -10.86 -6.44 41.09
C TYR A 159 -12.03 -7.31 41.54
N ILE A 160 -12.95 -7.57 40.62
CA ILE A 160 -14.12 -8.40 40.93
C ILE A 160 -14.44 -9.26 39.71
N ALA A 161 -14.38 -10.57 39.87
CA ALA A 161 -14.97 -11.45 38.88
C ALA A 161 -16.49 -11.41 39.03
N ILE A 162 -17.18 -11.25 37.91
CA ILE A 162 -18.64 -11.26 37.93
C ILE A 162 -19.10 -12.70 37.82
N THR A 163 -20.09 -13.08 38.64
CA THR A 163 -20.60 -14.43 38.63
C THR A 163 -22.10 -14.57 38.37
N LYS A 164 -22.88 -13.49 38.45
CA LYS A 164 -24.31 -13.51 38.16
C LYS A 164 -24.67 -12.52 37.08
N VAL A 165 -25.02 -13.04 35.91
CA VAL A 165 -25.40 -12.24 34.75
C VAL A 165 -26.79 -12.68 34.33
N GLU A 166 -27.74 -11.76 34.33
CA GLU A 166 -29.06 -12.00 33.79
C GLU A 166 -29.09 -11.45 32.37
N ARG A 167 -29.38 -12.31 31.39
CA ARG A 167 -29.20 -11.95 30.00
C ARG A 167 -30.39 -12.32 29.11
N GLY A 168 -31.55 -12.61 29.67
CA GLY A 168 -32.75 -12.89 28.89
C GLY A 168 -32.55 -14.00 27.89
N LYS A 169 -33.04 -13.77 26.67
CA LYS A 169 -32.96 -14.76 25.60
C LYS A 169 -31.56 -14.85 24.99
N TYR A 170 -30.64 -13.97 25.36
CA TYR A 170 -29.33 -13.93 24.73
C TYR A 170 -28.40 -14.97 25.33
N ASP A 171 -27.49 -15.48 24.50
CA ASP A 171 -26.54 -16.48 24.96
C ASP A 171 -25.44 -15.84 25.81
N LYS A 172 -24.90 -14.72 25.34
CA LYS A 172 -23.78 -14.05 25.98
C LYS A 172 -23.99 -12.54 25.88
N VAL A 173 -23.52 -11.82 26.89
CA VAL A 173 -23.53 -10.35 26.86
C VAL A 173 -22.15 -9.87 27.24
N MET A 174 -21.85 -8.65 26.82
CA MET A 174 -20.48 -8.14 26.91
C MET A 174 -20.52 -6.63 26.91
N PRO A 175 -19.62 -5.96 27.62
CA PRO A 175 -19.53 -4.50 27.50
C PRO A 175 -19.01 -4.13 26.12
N TYR A 176 -19.62 -3.09 25.53
CA TYR A 176 -19.29 -2.72 24.16
C TYR A 176 -19.45 -1.20 24.05
N GLY A 177 -18.36 -0.49 24.32
CA GLY A 177 -18.39 0.96 24.33
C GLY A 177 -17.48 1.58 25.36
N PRO A 178 -17.08 2.83 25.15
CA PRO A 178 -16.10 3.45 26.04
C PRO A 178 -16.62 3.78 27.44
N SER A 179 -17.82 4.34 27.55
CA SER A 179 -18.25 4.85 28.85
C SER A 179 -19.75 4.73 28.99
N GLY A 180 -20.20 4.68 30.24
CA GLY A 180 -21.61 4.60 30.57
C GLY A 180 -22.06 5.71 31.50
N ILE A 181 -23.25 5.59 32.07
CA ILE A 181 -23.73 6.62 32.99
C ILE A 181 -24.10 6.04 34.34
N LYS A 182 -24.49 6.91 35.25
CA LYS A 182 -25.11 6.54 36.50
C LYS A 182 -26.49 7.19 36.57
N GLN A 183 -27.42 6.47 37.17
CA GLN A 183 -28.72 7.00 37.56
C GLN A 183 -28.93 6.59 39.01
N GLY A 184 -28.88 7.58 39.90
CA GLY A 184 -28.87 7.24 41.32
C GLY A 184 -27.66 6.39 41.63
N ASP A 185 -27.90 5.22 42.21
CA ASP A 185 -26.85 4.28 42.53
C ASP A 185 -26.75 3.13 41.53
N THR A 186 -27.41 3.25 40.37
CA THR A 186 -27.32 2.25 39.33
C THR A 186 -26.37 2.72 38.24
N LEU A 187 -25.55 1.80 37.75
CA LEU A 187 -24.63 2.07 36.65
C LEU A 187 -25.14 1.40 35.39
N TYR A 188 -24.95 2.06 34.25
CA TYR A 188 -25.31 1.51 32.95
C TYR A 188 -24.09 1.59 32.05
N PHE A 189 -23.63 0.43 31.57
CA PHE A 189 -22.52 0.33 30.64
C PHE A 189 -23.04 0.03 29.24
N PRO A 190 -22.50 0.64 28.20
CA PRO A 190 -22.87 0.23 26.84
C PRO A 190 -22.45 -1.22 26.61
N ALA A 191 -23.31 -2.00 25.98
CA ALA A 191 -23.14 -3.44 25.95
C ALA A 191 -23.73 -4.01 24.67
N VAL A 192 -23.39 -5.26 24.41
CA VAL A 192 -23.87 -6.00 23.26
C VAL A 192 -24.32 -7.38 23.73
N GLY A 193 -25.35 -7.89 23.06
CA GLY A 193 -25.83 -9.25 23.30
C GLY A 193 -25.68 -10.08 22.04
N PHE A 194 -25.32 -11.35 22.24
CA PHE A 194 -25.13 -12.32 21.16
C PHE A 194 -26.38 -13.19 21.08
N LEU A 195 -27.09 -13.12 19.97
CA LEU A 195 -28.28 -13.95 19.82
C LEU A 195 -28.17 -14.82 18.59
N PRO A 196 -28.49 -16.11 18.67
CA PRO A 196 -28.35 -16.96 17.48
C PRO A 196 -29.29 -16.52 16.36
N ARG A 197 -28.77 -16.57 15.12
CA ARG A 197 -29.58 -16.22 13.96
C ARG A 197 -30.90 -16.97 13.94
N THR A 198 -30.92 -18.19 14.47
CA THR A 198 -32.12 -19.01 14.39
C THR A 198 -33.27 -18.44 15.21
N GLU A 199 -32.96 -17.76 16.31
CA GLU A 199 -33.96 -17.24 17.24
C GLU A 199 -34.16 -15.73 17.12
N PHE A 200 -33.63 -15.11 16.06
CA PHE A 200 -33.75 -13.68 15.85
C PHE A 200 -35.11 -13.40 15.21
N GLN A 201 -35.92 -12.58 15.87
CA GLN A 201 -37.25 -12.25 15.37
C GLN A 201 -37.17 -10.99 14.52
N TYR A 202 -37.40 -11.15 13.22
CA TYR A 202 -37.30 -10.02 12.29
C TYR A 202 -38.07 -10.33 11.02
N ASN A 203 -38.96 -9.41 10.64
CA ASN A 203 -39.69 -9.48 9.38
C ASN A 203 -38.92 -8.69 8.34
N ASP A 204 -38.47 -9.37 7.28
CA ASP A 204 -37.69 -8.72 6.23
C ASP A 204 -38.44 -7.54 5.60
N SER A 205 -39.76 -7.49 5.74
CA SER A 205 -40.55 -6.39 5.18
C SER A 205 -40.14 -5.05 5.78
N ASN A 206 -39.64 -5.05 7.02
CA ASN A 206 -39.23 -3.81 7.66
C ASN A 206 -37.94 -3.24 7.07
N CYS A 207 -37.23 -4.00 6.24
CA CYS A 207 -36.02 -3.51 5.59
C CYS A 207 -36.36 -2.48 4.52
N PRO A 208 -35.96 -1.21 4.66
CA PRO A 208 -36.35 -0.13 3.73
C PRO A 208 -35.57 -0.13 2.41
N ILE A 209 -35.96 -1.03 1.51
CA ILE A 209 -35.25 -1.27 0.26
C ILE A 209 -35.89 -0.48 -0.87
N ILE A 210 -36.79 0.43 -0.53
CA ILE A 210 -37.81 0.86 -1.48
C ILE A 210 -37.21 1.72 -2.60
N HIS A 211 -36.37 2.69 -2.23
CA HIS A 211 -35.67 3.50 -3.23
C HIS A 211 -34.25 3.00 -3.47
N CYS A 212 -34.05 1.69 -3.39
CA CYS A 212 -32.75 1.05 -3.56
C CYS A 212 -32.96 -0.13 -4.52
N LYS A 213 -32.64 0.09 -5.80
CA LYS A 213 -32.94 -0.94 -6.80
C LYS A 213 -32.09 -2.19 -6.61
N TYR A 214 -30.87 -2.05 -6.09
CA TYR A 214 -29.96 -3.17 -5.92
C TYR A 214 -29.97 -3.74 -4.50
N SER A 215 -30.96 -3.38 -3.69
CA SER A 215 -31.04 -3.85 -2.32
C SER A 215 -32.13 -4.91 -2.19
N LYS A 216 -31.79 -6.02 -1.57
CA LYS A 216 -32.73 -7.10 -1.33
C LYS A 216 -33.29 -7.01 0.09
N ALA A 217 -34.55 -7.39 0.25
CA ALA A 217 -35.24 -7.26 1.53
C ALA A 217 -34.58 -8.07 2.63
N GLU A 218 -33.71 -9.02 2.29
CA GLU A 218 -32.99 -9.83 3.25
C GLU A 218 -31.79 -9.12 3.87
N ASN A 219 -31.46 -7.92 3.40
CA ASN A 219 -30.14 -7.36 3.68
C ASN A 219 -29.99 -6.91 5.13
N CYS A 220 -30.99 -6.22 5.68
CA CYS A 220 -30.93 -5.76 7.06
C CYS A 220 -30.63 -6.92 8.02
N ARG A 221 -31.44 -7.99 7.93
CA ARG A 221 -31.27 -9.13 8.81
C ARG A 221 -29.90 -9.77 8.63
N LEU A 222 -29.47 -9.94 7.38
CA LEU A 222 -28.14 -10.49 7.13
C LEU A 222 -27.06 -9.60 7.75
N SER A 223 -27.30 -8.29 7.79
CA SER A 223 -26.35 -7.33 8.33
C SER A 223 -26.43 -7.20 9.83
N MET A 224 -27.37 -7.87 10.48
CA MET A 224 -27.35 -7.90 11.94
C MET A 224 -26.22 -8.77 12.50
N GLY A 225 -25.45 -9.45 11.66
CA GLY A 225 -24.28 -10.18 12.10
C GLY A 225 -23.02 -9.72 11.40
N VAL A 226 -21.84 -10.01 11.97
CA VAL A 226 -20.59 -9.53 11.40
C VAL A 226 -20.26 -10.18 10.06
N ASN A 227 -21.03 -11.19 9.65
CA ASN A 227 -21.08 -11.64 8.27
C ASN A 227 -22.42 -12.33 8.05
N SER A 228 -22.73 -12.60 6.79
CA SER A 228 -24.09 -13.00 6.44
C SER A 228 -24.47 -14.34 7.04
N LYS A 229 -23.49 -15.24 7.21
CA LYS A 229 -23.75 -16.57 7.75
C LYS A 229 -23.21 -16.75 9.16
N SER A 230 -22.97 -15.64 9.88
CA SER A 230 -22.48 -15.72 11.25
C SER A 230 -23.46 -16.49 12.13
N HIS A 231 -22.93 -17.21 13.11
CA HIS A 231 -23.80 -17.93 14.04
C HIS A 231 -24.69 -16.97 14.81
N TYR A 232 -24.15 -15.84 15.25
CA TYR A 232 -24.87 -14.87 16.05
C TYR A 232 -25.19 -13.62 15.24
N ILE A 233 -26.22 -12.92 15.69
CA ILE A 233 -26.41 -11.51 15.46
C ILE A 233 -26.02 -10.79 16.75
N LEU A 234 -25.78 -9.49 16.63
CA LEU A 234 -25.36 -8.66 17.75
C LEU A 234 -26.39 -7.56 17.97
N ARG A 235 -26.75 -7.32 19.23
CA ARG A 235 -27.79 -6.36 19.56
C ARG A 235 -27.29 -5.45 20.68
N SER A 236 -27.23 -4.14 20.40
CA SER A 236 -26.73 -3.19 21.38
C SER A 236 -27.70 -3.06 22.55
N GLY A 237 -27.20 -2.46 23.63
CA GLY A 237 -28.00 -2.26 24.82
C GLY A 237 -27.12 -1.78 25.96
N LEU A 238 -27.59 -2.06 27.18
CA LEU A 238 -26.89 -1.68 28.39
C LEU A 238 -26.71 -2.89 29.30
N LEU A 239 -25.64 -2.87 30.08
CA LEU A 239 -25.49 -3.74 31.23
C LEU A 239 -25.73 -2.89 32.48
N LYS A 240 -26.80 -3.21 33.21
CA LYS A 240 -27.20 -2.49 34.40
C LYS A 240 -26.60 -3.16 35.63
N TYR A 241 -26.24 -2.30 36.60
CA TYR A 241 -25.47 -2.71 37.76
C TYR A 241 -25.92 -1.86 38.94
N ASN A 242 -26.85 -2.37 39.75
CA ASN A 242 -27.45 -1.59 40.83
C ASN A 242 -26.60 -1.76 42.09
N LEU A 243 -25.90 -0.68 42.48
CA LEU A 243 -25.00 -0.74 43.62
C LEU A 243 -25.75 -0.79 44.95
N SER A 244 -26.99 -0.29 44.99
CA SER A 244 -27.77 -0.35 46.22
C SER A 244 -27.99 -1.79 46.67
N LEU A 245 -28.13 -2.72 45.73
CA LEU A 245 -28.37 -4.12 46.06
C LEU A 245 -27.32 -4.67 47.02
N GLY A 246 -26.06 -4.26 46.83
CA GLY A 246 -25.03 -4.77 47.68
C GLY A 246 -24.88 -6.29 47.55
N GLY A 247 -24.18 -6.86 48.53
CA GLY A 247 -23.88 -8.28 48.48
C GLY A 247 -23.01 -8.58 47.27
N ASP A 248 -23.27 -9.72 46.64
CA ASP A 248 -22.56 -10.01 45.41
C ASP A 248 -23.37 -9.51 44.21
N ILE A 249 -22.75 -9.63 43.04
CA ILE A 249 -22.81 -8.61 42.00
C ILE A 249 -23.57 -9.12 40.78
N ILE A 250 -24.72 -8.51 40.50
CA ILE A 250 -25.65 -8.93 39.45
C ILE A 250 -25.64 -7.92 38.32
N LEU A 251 -25.34 -8.39 37.11
CA LEU A 251 -25.39 -7.56 35.90
C LEU A 251 -26.59 -7.98 35.07
N GLN A 252 -27.45 -7.03 34.72
CA GLN A 252 -28.64 -7.34 33.92
C GLN A 252 -28.58 -6.66 32.56
N PHE A 253 -28.83 -7.41 31.49
CA PHE A 253 -28.78 -6.86 30.14
C PHE A 253 -30.12 -6.25 29.74
N ILE A 254 -30.05 -5.08 29.12
CA ILE A 254 -31.20 -4.37 28.58
C ILE A 254 -30.95 -4.19 27.09
N GLU A 255 -31.80 -4.80 26.26
CA GLU A 255 -31.60 -4.67 24.83
C GLU A 255 -32.09 -3.31 24.34
N ILE A 256 -31.56 -2.89 23.19
CA ILE A 256 -32.01 -1.66 22.55
C ILE A 256 -33.26 -1.94 21.76
N ALA A 257 -34.17 -0.97 21.72
CA ALA A 257 -35.36 -1.08 20.90
C ALA A 257 -34.97 -1.17 19.42
N ASP A 258 -35.91 -1.64 18.60
CA ASP A 258 -35.63 -1.91 17.21
C ASP A 258 -36.03 -0.78 16.28
N ASN A 259 -36.25 0.42 16.81
CA ASN A 259 -36.43 1.60 15.97
C ASN A 259 -35.08 1.96 15.34
N ARG A 260 -35.02 1.92 14.01
CA ARG A 260 -33.78 2.15 13.27
C ARG A 260 -32.69 1.21 13.76
N LEU A 261 -33.01 -0.07 13.76
CA LEU A 261 -32.09 -1.08 14.27
C LEU A 261 -30.92 -1.28 13.33
N THR A 262 -29.71 -1.24 13.87
CA THR A 262 -28.50 -1.63 13.16
C THR A 262 -27.72 -2.59 14.03
N ILE A 263 -26.68 -3.20 13.45
CA ILE A 263 -25.93 -4.23 14.15
C ILE A 263 -25.34 -3.67 15.45
N GLY A 264 -25.26 -4.52 16.46
CA GLY A 264 -24.64 -4.15 17.72
C GLY A 264 -23.24 -3.63 17.47
N SER A 265 -22.91 -2.51 18.10
CA SER A 265 -21.68 -1.79 17.79
C SER A 265 -21.26 -1.02 19.02
N PRO A 266 -19.99 -0.64 19.12
CA PRO A 266 -19.54 0.18 20.25
C PRO A 266 -20.44 1.40 20.41
N SER A 267 -20.92 1.61 21.63
CA SER A 267 -21.87 2.67 21.91
C SER A 267 -21.44 3.43 23.16
N LYS A 268 -22.09 4.56 23.37
CA LYS A 268 -21.84 5.39 24.52
C LYS A 268 -23.17 5.92 25.03
N ILE A 269 -23.37 5.84 26.34
CA ILE A 269 -24.45 6.55 26.99
C ILE A 269 -23.81 7.59 27.90
N TYR A 270 -24.23 8.84 27.75
CA TYR A 270 -23.67 9.92 28.55
C TYR A 270 -24.80 10.81 29.03
N ASN A 271 -24.49 11.70 29.96
CA ASN A 271 -25.44 12.66 30.50
C ASN A 271 -25.08 14.04 29.98
N SER A 272 -26.07 14.78 29.51
CA SER A 272 -25.85 16.15 29.08
C SER A 272 -27.06 16.99 29.47
N LEU A 273 -26.78 18.18 29.99
CA LEU A 273 -27.79 19.12 30.47
C LEU A 273 -28.93 18.38 31.19
N GLY A 274 -28.53 17.47 32.08
CA GLY A 274 -29.46 16.82 32.96
C GLY A 274 -30.35 15.74 32.37
N GLN A 275 -29.91 15.08 31.29
CA GLN A 275 -30.65 13.89 30.85
C GLN A 275 -29.77 13.09 29.89
N PRO A 276 -30.08 11.81 29.69
CA PRO A 276 -29.15 10.93 28.97
C PRO A 276 -29.28 10.94 27.45
N VAL A 277 -28.12 10.90 26.80
CA VAL A 277 -27.99 10.80 25.35
C VAL A 277 -27.26 9.50 25.04
N PHE A 278 -27.52 8.97 23.84
CA PHE A 278 -26.97 7.71 23.39
C PHE A 278 -26.35 7.91 22.01
N TYR A 279 -25.12 7.43 21.84
CA TYR A 279 -24.47 7.34 20.54
C TYR A 279 -24.23 5.87 20.23
N GLN A 280 -24.50 5.46 18.98
CA GLN A 280 -24.17 4.12 18.52
C GLN A 280 -23.37 4.24 17.22
N ALA A 281 -22.25 3.53 17.16
CA ALA A 281 -21.46 3.49 15.94
C ALA A 281 -22.26 2.87 14.80
N SER A 282 -22.00 3.33 13.59
CA SER A 282 -22.61 2.79 12.39
C SER A 282 -21.63 1.79 11.77
N TYR A 283 -21.87 0.50 12.01
CA TYR A 283 -20.98 -0.55 11.55
C TYR A 283 -21.56 -1.32 10.36
N SER A 284 -22.55 -0.76 9.68
CA SER A 284 -23.24 -1.45 8.61
C SER A 284 -23.74 -0.40 7.60
N TRP A 285 -24.75 -0.78 6.82
CA TRP A 285 -25.22 0.03 5.69
C TRP A 285 -25.79 1.39 6.13
N ASP A 286 -26.30 1.49 7.35
CA ASP A 286 -26.97 2.72 7.80
C ASP A 286 -25.89 3.67 8.34
N THR A 287 -25.30 4.46 7.44
CA THR A 287 -24.03 5.11 7.72
C THR A 287 -24.13 6.52 8.30
N MET A 288 -25.28 7.18 8.19
CA MET A 288 -25.42 8.48 8.85
C MET A 288 -25.38 8.30 10.36
N ILE A 289 -24.92 9.34 11.06
CA ILE A 289 -24.60 9.20 12.48
C ILE A 289 -25.85 8.86 13.28
N LYS A 290 -25.69 7.91 14.21
CA LYS A 290 -26.77 7.42 15.05
C LYS A 290 -26.55 7.92 16.48
N LEU A 291 -27.33 8.92 16.87
CA LEU A 291 -27.25 9.47 18.22
C LEU A 291 -28.56 10.18 18.52
N GLY A 292 -28.81 10.37 19.81
CA GLY A 292 -30.00 11.11 20.19
C GLY A 292 -30.34 10.95 21.66
N ASP A 293 -31.33 11.73 22.08
CA ASP A 293 -31.84 11.64 23.44
C ASP A 293 -32.34 10.25 23.73
N VAL A 294 -32.04 9.75 24.93
CA VAL A 294 -32.62 8.50 25.40
C VAL A 294 -34.03 8.80 25.89
N ASP A 295 -35.01 8.04 25.40
CA ASP A 295 -36.40 8.25 25.78
C ASP A 295 -36.73 7.45 27.04
N THR A 296 -36.50 6.15 27.01
CA THR A 296 -36.54 5.30 28.19
C THR A 296 -35.22 4.58 28.33
N VAL A 297 -34.73 4.48 29.56
CA VAL A 297 -33.48 3.76 29.80
C VAL A 297 -33.76 2.26 29.93
N ASP A 298 -34.86 1.90 30.60
CA ASP A 298 -35.25 0.50 30.79
C ASP A 298 -36.75 0.40 30.55
N PRO A 299 -37.19 -0.12 29.38
CA PRO A 299 -36.36 -0.63 28.28
C PRO A 299 -35.64 0.50 27.56
N LEU A 300 -34.59 0.18 26.79
CA LEU A 300 -33.75 1.20 26.19
C LEU A 300 -34.27 1.56 24.81
N ARG A 301 -34.67 2.82 24.64
CA ARG A 301 -35.19 3.31 23.37
C ARG A 301 -34.63 4.71 23.13
N VAL A 302 -33.99 4.90 21.99
CA VAL A 302 -33.32 6.16 21.66
C VAL A 302 -34.15 6.91 20.62
N GLN A 303 -34.30 8.21 20.83
CA GLN A 303 -34.94 9.11 19.87
C GLN A 303 -33.87 9.59 18.90
N TRP A 304 -33.60 8.77 17.88
CA TRP A 304 -32.50 9.05 16.96
C TRP A 304 -32.74 10.34 16.20
N ARG A 305 -31.69 11.15 16.08
CA ARG A 305 -31.78 12.36 15.28
C ARG A 305 -31.88 12.03 13.81
N ASN A 306 -32.49 12.92 13.06
CA ASN A 306 -32.51 12.84 11.60
C ASN A 306 -31.39 13.72 11.05
N ASN A 307 -30.17 13.23 11.24
CA ASN A 307 -28.95 13.97 10.93
C ASN A 307 -28.49 13.63 9.52
N SER A 308 -28.30 14.66 8.69
CA SER A 308 -28.02 14.48 7.27
C SER A 308 -26.65 14.97 6.84
N VAL A 309 -25.75 15.26 7.78
CA VAL A 309 -24.44 15.82 7.41
C VAL A 309 -23.27 15.04 7.97
N ILE A 310 -23.41 14.29 9.07
CA ILE A 310 -22.28 13.58 9.66
C ILE A 310 -22.43 12.09 9.36
N SER A 311 -21.34 11.48 8.96
CA SER A 311 -21.30 10.08 8.56
C SER A 311 -19.93 9.53 8.95
N ARG A 312 -19.54 8.39 8.37
CA ARG A 312 -18.26 7.80 8.70
C ARG A 312 -17.71 7.07 7.49
N PRO A 313 -16.40 6.95 7.37
CA PRO A 313 -15.82 6.21 6.25
C PRO A 313 -16.18 4.73 6.31
N GLY A 314 -16.29 4.12 5.14
CA GLY A 314 -16.51 2.69 5.04
C GLY A 314 -15.59 2.06 4.03
N GLN A 315 -15.93 0.86 3.58
CA GLN A 315 -15.24 0.20 2.49
C GLN A 315 -16.10 0.28 1.22
N SER A 316 -15.74 -0.50 0.19
CA SER A 316 -16.40 -0.39 -1.10
C SER A 316 -17.90 -0.66 -1.02
N GLN A 317 -18.35 -1.49 -0.07
CA GLN A 317 -19.74 -1.93 -0.05
C GLN A 317 -20.64 -1.03 0.78
N CYS A 318 -20.11 -0.34 1.79
CA CYS A 318 -20.90 0.60 2.61
C CYS A 318 -20.05 1.82 2.93
N PRO A 319 -19.68 2.61 1.91
CA PRO A 319 -18.82 3.77 2.13
C PRO A 319 -19.61 4.90 2.76
N ARG A 320 -18.92 6.02 2.99
CA ARG A 320 -19.54 7.15 3.66
C ARG A 320 -20.73 7.66 2.85
N PHE A 321 -21.80 8.02 3.57
CA PHE A 321 -23.07 8.54 3.06
C PHE A 321 -23.92 7.46 2.40
N ASN A 322 -23.57 6.19 2.55
CA ASN A 322 -24.42 5.14 2.01
C ASN A 322 -25.68 5.01 2.87
N VAL A 323 -26.81 4.78 2.22
CA VAL A 323 -28.10 4.82 2.90
C VAL A 323 -28.91 3.57 2.56
N CYS A 324 -28.44 2.79 1.58
CA CYS A 324 -29.23 1.65 1.13
C CYS A 324 -28.81 0.37 1.84
N PRO A 325 -29.79 -0.46 2.23
CA PRO A 325 -29.46 -1.73 2.86
C PRO A 325 -28.52 -2.59 2.05
N GLU A 326 -27.34 -2.85 2.60
CA GLU A 326 -26.36 -3.78 2.05
C GLU A 326 -25.97 -4.76 3.14
N VAL A 327 -25.29 -5.82 2.75
CA VAL A 327 -24.77 -6.80 3.68
C VAL A 327 -23.29 -6.46 3.87
N CYS A 328 -22.98 -5.86 5.03
CA CYS A 328 -21.63 -5.37 5.26
C CYS A 328 -21.40 -5.20 6.76
N TRP A 329 -20.12 -5.30 7.15
CA TRP A 329 -19.66 -4.98 8.50
C TRP A 329 -18.41 -4.14 8.30
N GLU A 330 -18.55 -2.83 8.45
CA GLU A 330 -17.46 -1.89 8.20
C GLU A 330 -17.87 -0.53 8.74
N GLY A 331 -16.87 0.31 9.01
CA GLY A 331 -17.09 1.62 9.55
C GLY A 331 -16.17 1.88 10.73
N THR A 332 -16.39 3.02 11.38
CA THR A 332 -15.55 3.45 12.50
C THR A 332 -16.43 4.02 13.60
N TYR A 333 -15.86 4.10 14.80
CA TYR A 333 -16.53 4.71 15.94
C TYR A 333 -16.04 6.15 16.08
N ASN A 334 -16.97 7.10 15.91
CA ASN A 334 -16.66 8.53 16.04
C ASN A 334 -17.86 9.16 16.75
N ASP A 335 -17.80 9.23 18.09
CA ASP A 335 -18.99 9.69 18.79
C ASP A 335 -19.06 11.22 18.80
N ALA A 336 -20.17 11.72 19.32
CA ALA A 336 -20.39 13.15 19.48
C ALA A 336 -21.01 13.40 20.84
N PHE A 337 -20.86 14.62 21.33
CA PHE A 337 -21.37 15.03 22.63
C PHE A 337 -22.32 16.20 22.42
N LEU A 338 -23.59 15.99 22.78
CA LEU A 338 -24.56 17.08 22.77
C LEU A 338 -24.13 18.16 23.75
N ILE A 339 -24.11 19.41 23.29
CA ILE A 339 -23.71 20.54 24.11
C ILE A 339 -24.79 21.61 24.22
N ASP A 340 -25.92 21.44 23.53
CA ASP A 340 -27.04 22.38 23.64
C ASP A 340 -28.30 21.64 23.21
N ARG A 341 -29.17 21.30 24.15
CA ARG A 341 -30.33 20.48 23.83
C ARG A 341 -31.41 21.26 23.10
N LEU A 342 -31.61 22.54 23.43
CA LEU A 342 -32.71 23.30 22.84
C LEU A 342 -32.50 23.53 21.35
N ASN A 343 -31.24 23.65 20.91
CA ASN A 343 -30.92 23.78 19.50
C ASN A 343 -30.36 22.49 18.89
N TRP A 344 -30.10 21.49 19.73
CA TRP A 344 -29.48 20.21 19.36
C TRP A 344 -28.19 20.42 18.55
N VAL A 345 -27.27 21.11 19.21
CA VAL A 345 -25.93 21.30 18.71
C VAL A 345 -25.02 20.32 19.43
N SER A 346 -24.27 19.54 18.66
CA SER A 346 -23.32 18.58 19.21
C SER A 346 -21.92 18.93 18.73
N ALA A 347 -20.94 18.37 19.41
CA ALA A 347 -19.53 18.52 19.02
C ALA A 347 -18.91 17.15 18.92
N GLY A 348 -18.15 16.91 17.86
CA GLY A 348 -17.54 15.60 17.71
C GLY A 348 -16.46 15.63 16.65
N VAL A 349 -15.77 14.51 16.50
CA VAL A 349 -14.72 14.38 15.50
C VAL A 349 -15.19 13.36 14.46
N TYR A 350 -15.18 13.75 13.19
CA TYR A 350 -15.47 12.82 12.12
C TYR A 350 -14.26 12.67 11.22
N LEU A 351 -14.20 11.54 10.52
CA LEU A 351 -13.13 11.27 9.57
C LEU A 351 -13.58 11.73 8.20
N ASN A 352 -12.94 12.77 7.66
CA ASN A 352 -13.39 13.43 6.44
C ASN A 352 -12.82 12.69 5.23
N SER A 353 -13.41 11.53 4.96
CA SER A 353 -12.98 10.66 3.87
C SER A 353 -14.08 9.63 3.63
N ASN A 354 -14.08 9.08 2.42
CA ASN A 354 -15.18 8.21 2.00
C ASN A 354 -14.88 6.74 2.25
N GLN A 355 -13.70 6.27 1.83
CA GLN A 355 -13.34 4.88 2.01
C GLN A 355 -11.93 4.75 2.59
N THR A 356 -11.53 5.73 3.40
CA THR A 356 -10.22 5.74 4.04
C THR A 356 -10.39 6.34 5.44
N ALA A 357 -9.66 5.80 6.40
CA ALA A 357 -9.72 6.27 7.78
C ALA A 357 -8.67 7.37 7.95
N GLU A 358 -9.08 8.62 7.72
CA GLU A 358 -8.15 9.73 7.79
C GLU A 358 -8.91 11.05 7.90
N ASN A 359 -8.14 12.13 8.08
CA ASN A 359 -8.60 13.51 8.19
C ASN A 359 -9.55 13.70 9.35
N PRO A 360 -9.07 13.61 10.60
CA PRO A 360 -9.93 13.93 11.73
C PRO A 360 -10.30 15.41 11.71
N VAL A 361 -11.60 15.69 11.78
CA VAL A 361 -12.13 17.04 11.78
C VAL A 361 -13.01 17.19 13.01
N PHE A 362 -12.65 18.13 13.88
CA PHE A 362 -13.52 18.47 14.99
C PHE A 362 -14.57 19.46 14.51
N ALA A 363 -15.83 19.17 14.77
CA ALA A 363 -16.93 19.89 14.16
C ALA A 363 -18.06 20.07 15.17
N VAL A 364 -18.68 21.24 15.11
CA VAL A 364 -19.87 21.57 15.88
C VAL A 364 -21.03 21.62 14.89
N PHE A 365 -22.10 20.89 15.18
CA PHE A 365 -23.09 20.63 14.14
C PHE A 365 -24.48 20.45 14.72
N LYS A 366 -25.46 20.89 13.95
CA LYS A 366 -26.86 20.57 14.16
C LYS A 366 -27.23 19.40 13.25
N ASP A 367 -28.52 19.05 13.21
CA ASP A 367 -28.95 17.88 12.46
C ASP A 367 -28.63 17.98 10.99
N ASN A 368 -28.82 19.17 10.39
CA ASN A 368 -28.71 19.30 8.95
C ASN A 368 -27.65 20.30 8.49
N GLU A 369 -26.77 20.76 9.38
CA GLU A 369 -25.66 21.60 8.93
C GLU A 369 -24.54 21.61 9.96
N ILE A 370 -23.32 21.67 9.45
CA ILE A 370 -22.12 21.82 10.29
C ILE A 370 -21.89 23.30 10.50
N LEU A 371 -21.96 23.75 11.76
CA LEU A 371 -21.82 25.18 12.04
C LEU A 371 -20.38 25.64 11.82
N TYR A 372 -19.43 25.09 12.56
CA TYR A 372 -18.04 25.44 12.38
C TYR A 372 -17.17 24.24 12.74
N GLN A 373 -16.02 24.14 12.09
CA GLN A 373 -15.15 22.99 12.28
C GLN A 373 -13.69 23.40 12.11
N VAL A 374 -12.80 22.45 12.36
CA VAL A 374 -11.36 22.66 12.24
C VAL A 374 -10.66 21.31 12.14
N PRO A 375 -9.64 21.17 11.30
CA PRO A 375 -8.86 19.94 11.29
C PRO A 375 -8.11 19.76 12.59
N LEU A 376 -7.80 18.49 12.91
CA LEU A 376 -6.90 18.16 14.00
C LEU A 376 -5.55 17.67 13.51
N ALA A 377 -5.38 17.52 12.20
CA ALA A 377 -4.14 16.98 11.64
C ALA A 377 -4.10 17.32 10.16
N GLU A 378 -2.97 16.98 9.52
CA GLU A 378 -2.81 17.18 8.09
C GLU A 378 -3.75 16.25 7.32
N ASP A 379 -3.75 16.38 6.00
CA ASP A 379 -4.81 15.85 5.16
C ASP A 379 -4.60 14.42 4.71
N ASP A 380 -3.47 13.79 5.01
CA ASP A 380 -3.30 12.37 4.77
C ASP A 380 -3.14 11.59 6.07
N THR A 381 -3.58 12.17 7.18
CA THR A 381 -3.30 11.64 8.51
C THR A 381 -4.18 10.43 8.78
N ASN A 382 -3.57 9.26 8.88
CA ASN A 382 -4.30 8.06 9.29
C ASN A 382 -4.88 8.24 10.69
N ALA A 383 -6.19 8.02 10.82
CA ALA A 383 -6.89 8.22 12.09
C ALA A 383 -8.18 7.43 12.06
N GLN A 384 -8.47 6.69 13.15
CA GLN A 384 -9.67 5.88 13.18
C GLN A 384 -10.66 6.25 14.29
N LYS A 385 -10.35 5.98 15.55
CA LYS A 385 -11.36 6.09 16.60
C LYS A 385 -11.28 7.45 17.27
N THR A 386 -12.44 8.03 17.56
CA THR A 386 -12.50 9.32 18.26
C THR A 386 -13.56 9.24 19.33
N ILE A 387 -13.19 9.67 20.53
CA ILE A 387 -14.08 9.73 21.68
C ILE A 387 -14.10 11.18 22.15
N THR A 388 -15.28 11.78 22.21
CA THR A 388 -15.42 13.20 22.52
C THR A 388 -16.33 13.34 23.72
N ASP A 389 -15.80 13.93 24.80
CA ASP A 389 -16.60 14.23 25.97
C ASP A 389 -16.45 15.71 26.31
N CYS A 390 -17.56 16.35 26.65
CA CYS A 390 -17.57 17.78 26.91
C CYS A 390 -18.01 18.06 28.34
N PHE A 391 -17.63 19.23 28.83
CA PHE A 391 -17.78 19.60 30.23
C PHE A 391 -17.66 21.11 30.36
N LEU A 392 -17.79 21.60 31.59
CA LEU A 392 -17.65 23.02 31.89
C LEU A 392 -16.33 23.27 32.61
N LEU A 393 -15.72 24.40 32.29
CA LEU A 393 -14.57 24.91 33.03
C LEU A 393 -14.87 26.37 33.35
N GLU A 394 -15.12 26.66 34.63
CA GLU A 394 -15.60 27.97 35.06
C GLU A 394 -16.74 28.41 34.14
N ASN A 395 -17.62 27.45 33.82
CA ASN A 395 -18.87 27.61 33.05
C ASN A 395 -18.64 27.77 31.55
N VAL A 396 -17.43 27.57 31.05
CA VAL A 396 -17.17 27.57 29.61
C VAL A 396 -17.20 26.15 29.10
N ILE A 397 -17.94 25.90 28.03
CA ILE A 397 -18.02 24.56 27.46
C ILE A 397 -16.71 24.23 26.79
N TRP A 398 -16.05 23.16 27.26
CA TRP A 398 -14.88 22.59 26.64
C TRP A 398 -15.18 21.16 26.22
N CYS A 399 -14.39 20.64 25.28
CA CYS A 399 -14.50 19.25 24.88
C CYS A 399 -13.11 18.65 24.75
N ILE A 400 -12.92 17.46 25.33
CA ILE A 400 -11.70 16.70 25.18
C ILE A 400 -11.98 15.53 24.25
N SER A 401 -11.04 15.29 23.33
CA SER A 401 -11.21 14.32 22.25
C SER A 401 -9.98 13.43 22.20
N LEU A 402 -10.19 12.13 22.33
CA LEU A 402 -9.16 11.13 22.03
C LEU A 402 -9.32 10.68 20.59
N VAL A 403 -8.21 10.64 19.85
CA VAL A 403 -8.19 10.21 18.46
C VAL A 403 -7.03 9.23 18.29
N GLU A 404 -7.31 8.03 17.80
CA GLU A 404 -6.24 7.11 17.44
C GLU A 404 -5.71 7.49 16.08
N ILE A 405 -4.47 7.99 16.05
CA ILE A 405 -3.84 8.57 14.87
C ILE A 405 -2.54 7.80 14.62
N TYR A 406 -2.11 7.77 13.37
CA TYR A 406 -0.72 7.45 13.08
C TYR A 406 0.12 8.70 13.28
N ASP A 407 1.00 8.69 14.27
CA ASP A 407 1.92 9.78 14.54
C ASP A 407 3.16 9.60 13.68
N THR A 408 3.35 10.55 12.74
CA THR A 408 4.55 10.52 11.89
C THR A 408 5.80 10.91 12.67
N GLY A 409 5.66 11.72 13.72
CA GLY A 409 6.81 12.12 14.51
C GLY A 409 7.53 10.95 15.17
N ASP A 410 6.80 9.88 15.48
CA ASP A 410 7.37 8.68 16.04
C ASP A 410 7.19 7.46 15.15
N SER A 411 6.52 7.62 14.02
CA SER A 411 6.17 6.50 13.12
C SER A 411 5.44 5.40 13.88
N VAL A 412 4.33 5.77 14.50
CA VAL A 412 3.67 4.83 15.40
C VAL A 412 2.18 5.14 15.50
N ILE A 413 1.36 4.09 15.50
CA ILE A 413 -0.07 4.25 15.72
C ILE A 413 -0.34 4.36 17.21
N ARG A 414 -1.03 5.41 17.63
CA ARG A 414 -1.21 5.68 19.05
C ARG A 414 -2.32 6.72 19.21
N PRO A 415 -2.86 6.88 20.42
CA PRO A 415 -3.86 7.91 20.65
C PRO A 415 -3.26 9.28 20.97
N LYS A 416 -4.00 10.31 20.59
CA LYS A 416 -3.68 11.69 20.88
C LYS A 416 -4.88 12.35 21.51
N LEU A 417 -4.62 13.37 22.33
CA LEU A 417 -5.64 14.01 23.15
C LEU A 417 -5.69 15.51 22.83
N PHE A 418 -6.90 16.00 22.57
CA PHE A 418 -7.13 17.39 22.21
C PHE A 418 -8.12 18.02 23.18
N ALA A 419 -7.92 19.30 23.48
CA ALA A 419 -8.90 20.11 24.18
C ALA A 419 -9.33 21.23 23.26
N VAL A 420 -10.64 21.49 23.20
CA VAL A 420 -11.20 22.49 22.30
C VAL A 420 -12.27 23.27 23.05
N LYS A 421 -12.10 24.58 23.15
CA LYS A 421 -13.12 25.44 23.73
C LYS A 421 -14.15 25.78 22.66
N ILE A 422 -15.43 25.71 23.03
CA ILE A 422 -16.53 26.02 22.12
C ILE A 422 -16.78 27.52 22.19
N PRO A 423 -16.42 28.30 21.16
CA PRO A 423 -16.35 29.75 21.32
C PRO A 423 -17.70 30.42 21.40
N ALA A 424 -17.73 31.55 22.12
CA ALA A 424 -18.97 32.29 22.34
C ALA A 424 -19.30 33.19 21.16
N GLN A 425 -18.29 33.77 20.56
CA GLN A 425 -18.48 34.68 19.43
C GLN A 425 -17.98 34.05 18.15
N CYS A 426 -18.49 34.62 17.05
CA CYS A 426 -18.56 33.91 15.80
C CYS A 426 -17.59 34.52 14.80
N SER A 427 -16.81 35.52 15.24
CA SER A 427 -15.90 36.30 14.41
C SER A 427 -14.49 36.04 14.88
N GLU A 428 -13.59 35.91 13.93
CA GLU A 428 -12.13 35.82 14.15
C GLU A 428 -11.71 35.16 15.46
N GLU B 1 -5.24 -2.34 -8.37
CA GLU B 1 -5.96 -2.40 -9.64
C GLU B 1 -5.97 -1.02 -10.32
N ILE B 2 -4.92 -0.24 -10.04
CA ILE B 2 -4.69 1.05 -10.69
C ILE B 2 -3.68 0.85 -11.80
N VAL B 3 -3.90 1.49 -12.94
CA VAL B 3 -3.02 1.41 -14.09
C VAL B 3 -2.41 2.78 -14.34
N MET B 4 -1.10 2.80 -14.60
CA MET B 4 -0.38 4.00 -14.97
C MET B 4 0.03 3.90 -16.44
N THR B 5 -0.29 4.92 -17.22
CA THR B 5 0.06 5.00 -18.62
C THR B 5 0.96 6.20 -18.86
N GLN B 6 2.00 6.02 -19.67
CA GLN B 6 3.07 7.00 -19.74
C GLN B 6 3.23 7.55 -21.16
N SER B 7 3.65 8.82 -21.23
CA SER B 7 3.70 9.55 -22.49
C SER B 7 4.82 10.58 -22.44
N PRO B 8 5.44 10.90 -23.59
CA PRO B 8 5.32 10.27 -24.91
C PRO B 8 5.96 8.89 -24.93
N GLY B 9 5.78 8.14 -26.02
CA GLY B 9 6.42 6.84 -26.12
C GLY B 9 7.94 6.94 -26.08
N THR B 10 8.49 7.83 -26.92
CA THR B 10 9.93 7.94 -27.09
C THR B 10 10.30 9.32 -27.62
N PRO B 11 10.50 10.33 -26.76
CA PRO B 11 10.91 11.64 -27.25
C PRO B 11 12.42 11.70 -27.53
N SER B 12 12.76 12.55 -28.48
CA SER B 12 14.16 12.78 -28.89
C SER B 12 14.50 14.24 -28.62
N LEU B 13 15.47 14.47 -27.75
CA LEU B 13 15.83 15.82 -27.33
C LEU B 13 17.34 15.94 -27.32
N SER B 14 17.82 17.17 -27.10
CA SER B 14 19.24 17.45 -27.20
C SER B 14 19.78 17.95 -25.88
N PRO B 15 21.07 17.70 -25.59
CA PRO B 15 21.68 18.23 -24.37
C PRO B 15 21.48 19.73 -24.23
N GLY B 16 20.85 20.16 -23.14
CA GLY B 16 20.49 21.55 -22.92
C GLY B 16 19.02 21.84 -23.08
N GLU B 17 18.30 20.99 -23.80
CA GLU B 17 16.86 21.14 -23.93
C GLU B 17 16.17 20.76 -22.62
N ARG B 18 14.86 20.97 -22.58
CA ARG B 18 14.05 20.67 -21.41
C ARG B 18 13.12 19.51 -21.73
N ALA B 19 13.12 18.50 -20.89
CA ALA B 19 12.28 17.32 -21.07
C ALA B 19 11.11 17.37 -20.09
N THR B 20 9.92 17.01 -20.57
CA THR B 20 8.76 16.90 -19.69
C THR B 20 8.01 15.61 -20.01
N LEU B 21 7.94 14.72 -19.04
CA LEU B 21 7.33 13.41 -19.18
C LEU B 21 6.00 13.41 -18.42
N SER B 22 5.03 12.65 -18.93
CA SER B 22 3.70 12.62 -18.37
C SER B 22 3.32 11.20 -17.97
N CYS B 23 2.56 11.12 -16.88
CA CYS B 23 2.07 9.86 -16.33
C CYS B 23 0.61 10.08 -15.96
N ARG B 24 -0.26 9.18 -16.42
CA ARG B 24 -1.70 9.31 -16.25
C ARG B 24 -2.23 8.09 -15.51
N ALA B 25 -3.00 8.34 -14.46
CA ALA B 25 -3.54 7.28 -13.63
C ALA B 25 -4.93 6.88 -14.09
N SER B 26 -5.23 5.59 -14.00
CA SER B 26 -6.55 5.08 -14.37
C SER B 26 -7.64 5.53 -13.41
N GLN B 27 -7.28 6.15 -12.29
CA GLN B 27 -8.22 6.64 -11.28
C GLN B 27 -7.46 7.59 -10.37
N SER B 28 -8.22 8.47 -9.71
CA SER B 28 -7.60 9.50 -8.89
C SER B 28 -6.82 8.90 -7.73
N ILE B 29 -5.70 9.55 -7.39
CA ILE B 29 -4.87 9.17 -6.26
C ILE B 29 -4.36 10.44 -5.58
N ARG B 30 -4.13 10.35 -4.27
CA ARG B 30 -3.51 11.45 -3.55
C ARG B 30 -2.09 11.68 -4.07
N SER B 31 -1.69 12.95 -4.13
CA SER B 31 -0.36 13.29 -4.65
C SER B 31 0.74 12.56 -3.89
N THR B 32 0.56 12.37 -2.59
CA THR B 32 1.62 11.83 -1.75
C THR B 32 2.05 10.41 -2.14
N TYR B 33 1.32 9.75 -3.05
CA TYR B 33 1.60 8.36 -3.39
C TYR B 33 2.07 8.19 -4.84
N LEU B 34 2.83 9.15 -5.37
CA LEU B 34 3.39 9.08 -6.71
C LEU B 34 4.91 9.20 -6.64
N ALA B 35 5.60 8.37 -7.43
CA ALA B 35 7.06 8.36 -7.46
C ALA B 35 7.55 8.27 -8.90
N TRP B 36 8.78 8.75 -9.12
CA TRP B 36 9.47 8.70 -10.40
C TRP B 36 10.85 8.08 -10.22
N TYR B 37 11.19 7.15 -11.11
CA TYR B 37 12.44 6.41 -11.13
C TYR B 37 13.16 6.60 -12.46
N GLN B 38 14.47 6.40 -12.41
CA GLN B 38 15.35 6.42 -13.57
C GLN B 38 16.04 5.07 -13.71
N GLN B 39 16.24 4.63 -14.95
CA GLN B 39 16.98 3.40 -15.19
C GLN B 39 17.81 3.54 -16.46
N LYS B 40 19.12 3.34 -16.33
CA LYS B 40 20.09 3.17 -17.40
C LYS B 40 20.28 1.68 -17.70
N PRO B 41 20.71 1.33 -18.91
CA PRO B 41 20.74 -0.08 -19.29
C PRO B 41 21.71 -0.89 -18.43
N GLY B 42 21.30 -2.12 -18.10
CA GLY B 42 22.12 -2.98 -17.28
C GLY B 42 22.30 -2.53 -15.86
N GLN B 43 21.44 -1.63 -15.38
CA GLN B 43 21.51 -1.15 -14.01
C GLN B 43 20.12 -1.22 -13.38
N ALA B 44 20.11 -1.22 -12.04
CA ALA B 44 18.88 -1.13 -11.30
C ALA B 44 18.28 0.26 -11.44
N PRO B 45 16.99 0.41 -11.15
CA PRO B 45 16.41 1.76 -11.10
C PRO B 45 16.87 2.50 -9.86
N ARG B 46 16.84 3.83 -9.96
CA ARG B 46 17.07 4.67 -8.80
C ARG B 46 15.93 5.67 -8.67
N LEU B 47 15.57 5.97 -7.43
CA LEU B 47 14.46 6.88 -7.17
C LEU B 47 14.88 8.32 -7.43
N LEU B 48 14.03 9.05 -8.16
CA LEU B 48 14.24 10.47 -8.41
C LEU B 48 13.26 11.32 -7.62
N ILE B 49 11.96 11.07 -7.77
CA ILE B 49 10.94 11.89 -7.11
C ILE B 49 10.03 10.97 -6.32
N TYR B 50 9.52 11.47 -5.20
CA TYR B 50 8.55 10.76 -4.40
C TYR B 50 7.59 11.78 -3.80
N GLY B 51 6.41 11.32 -3.40
CA GLY B 51 5.37 12.25 -3.00
C GLY B 51 4.98 13.22 -4.08
N ALA B 52 5.26 12.86 -5.34
CA ALA B 52 4.89 13.56 -6.57
C ALA B 52 5.66 14.84 -6.82
N SER B 53 6.37 15.36 -5.82
CA SER B 53 7.21 16.54 -6.04
C SER B 53 8.52 16.54 -5.28
N SER B 54 8.70 15.71 -4.27
CA SER B 54 9.89 15.77 -3.42
C SER B 54 11.04 15.02 -4.11
N ARG B 55 12.14 15.73 -4.33
CA ARG B 55 13.33 15.10 -4.87
C ARG B 55 13.92 14.14 -3.84
N ALA B 56 14.32 12.95 -4.30
CA ALA B 56 15.04 12.04 -3.44
C ALA B 56 16.41 12.62 -3.10
N THR B 57 17.02 12.11 -2.03
CA THR B 57 18.27 12.68 -1.57
C THR B 57 19.40 12.38 -2.56
N GLY B 58 20.21 13.40 -2.81
CA GLY B 58 21.28 13.29 -3.79
C GLY B 58 20.88 13.56 -5.22
N ILE B 59 19.66 14.02 -5.47
CA ILE B 59 19.12 14.16 -6.82
C ILE B 59 19.27 15.63 -7.24
N PRO B 60 19.77 15.90 -8.46
CA PRO B 60 20.01 17.29 -8.87
C PRO B 60 18.74 18.12 -8.97
N ASP B 61 18.94 19.45 -8.94
CA ASP B 61 17.83 20.39 -8.97
C ASP B 61 17.00 20.29 -10.23
N ARG B 62 17.62 19.94 -11.36
CA ARG B 62 16.92 19.98 -12.64
C ARG B 62 15.75 19.03 -12.70
N PHE B 63 15.70 18.02 -11.83
CA PHE B 63 14.56 17.11 -11.73
C PHE B 63 13.51 17.73 -10.82
N SER B 64 12.27 17.78 -11.31
CA SER B 64 11.18 18.27 -10.48
C SER B 64 9.89 17.56 -10.89
N GLY B 65 9.04 17.31 -9.91
CA GLY B 65 7.80 16.62 -10.20
C GLY B 65 6.59 17.46 -9.83
N SER B 66 5.45 17.20 -10.46
CA SER B 66 4.26 18.01 -10.23
C SER B 66 3.04 17.24 -10.70
N GLY B 67 1.88 17.86 -10.55
CA GLY B 67 0.62 17.25 -10.93
C GLY B 67 -0.15 16.77 -9.72
N SER B 68 -1.35 16.26 -10.00
CA SER B 68 -2.22 15.78 -8.93
C SER B 68 -3.32 14.94 -9.55
N GLY B 69 -4.14 14.34 -8.67
CA GLY B 69 -5.29 13.60 -9.12
C GLY B 69 -4.93 12.47 -10.05
N THR B 70 -5.20 12.69 -11.33
CA THR B 70 -5.00 11.68 -12.36
C THR B 70 -3.73 11.92 -13.18
N ASP B 71 -3.19 13.13 -13.20
CA ASP B 71 -2.11 13.45 -14.13
C ASP B 71 -0.92 14.03 -13.40
N PHE B 72 0.27 13.49 -13.70
CA PHE B 72 1.51 13.86 -13.05
C PHE B 72 2.59 14.06 -14.10
N THR B 73 3.58 14.88 -13.78
CA THR B 73 4.56 15.34 -14.75
C THR B 73 5.94 15.42 -14.12
N LEU B 74 6.94 14.92 -14.85
CA LEU B 74 8.33 15.00 -14.43
C LEU B 74 9.09 15.90 -15.40
N THR B 75 9.79 16.88 -14.87
CA THR B 75 10.45 17.91 -15.66
C THR B 75 11.94 17.87 -15.39
N ILE B 76 12.72 17.72 -16.46
CA ILE B 76 14.15 17.98 -16.44
C ILE B 76 14.34 19.34 -17.09
N SER B 77 14.72 20.32 -16.27
CA SER B 77 14.78 21.71 -16.73
C SER B 77 15.76 21.87 -17.88
N ARG B 78 16.91 21.20 -17.81
CA ARG B 78 17.89 21.30 -18.89
C ARG B 78 18.73 20.04 -18.89
N LEU B 79 18.58 19.22 -19.94
CA LEU B 79 19.16 17.88 -19.98
C LEU B 79 20.68 17.91 -19.97
N GLU B 80 21.26 17.02 -19.17
CA GLU B 80 22.67 16.64 -19.26
C GLU B 80 22.79 15.31 -20.02
N PRO B 81 24.00 14.94 -20.45
CA PRO B 81 24.12 13.68 -21.22
C PRO B 81 23.71 12.44 -20.45
N GLU B 82 24.04 12.37 -19.17
CA GLU B 82 23.69 11.20 -18.37
C GLU B 82 22.20 11.10 -18.09
N ASP B 83 21.40 12.11 -18.45
CA ASP B 83 19.96 12.04 -18.26
C ASP B 83 19.23 11.22 -19.30
N PHE B 84 19.91 10.81 -20.36
CA PHE B 84 19.27 10.08 -21.44
C PHE B 84 19.15 8.62 -21.02
N ALA B 85 17.97 8.26 -20.53
CA ALA B 85 17.72 6.98 -19.88
C ALA B 85 16.21 6.73 -19.94
N VAL B 86 15.76 5.71 -19.22
CA VAL B 86 14.34 5.37 -19.17
C VAL B 86 13.78 5.88 -17.86
N TYR B 87 12.54 6.39 -17.90
CA TYR B 87 11.91 6.96 -16.72
C TYR B 87 10.59 6.25 -16.47
N TYR B 88 10.40 5.79 -15.24
CA TYR B 88 9.20 5.08 -14.84
C TYR B 88 8.46 5.89 -13.79
N CYS B 89 7.14 5.98 -13.92
CA CYS B 89 6.33 6.47 -12.84
C CYS B 89 5.73 5.30 -12.08
N GLN B 90 5.32 5.57 -10.85
CA GLN B 90 4.77 4.52 -10.01
C GLN B 90 3.80 5.15 -9.03
N GLN B 91 2.68 4.47 -8.80
CA GLN B 91 1.81 4.79 -7.67
C GLN B 91 2.03 3.72 -6.61
N TYR B 92 1.99 4.12 -5.35
CA TYR B 92 2.27 3.19 -4.28
C TYR B 92 1.26 3.37 -3.16
N GLY B 93 1.38 2.52 -2.15
CA GLY B 93 0.35 2.36 -1.14
C GLY B 93 0.03 0.89 -0.98
N ARG B 94 -1.24 0.53 -1.12
CA ARG B 94 -1.66 -0.83 -0.77
C ARG B 94 -1.22 -1.85 -1.81
N SER B 95 -1.17 -1.46 -3.09
CA SER B 95 -0.71 -2.36 -4.15
C SER B 95 -0.02 -1.52 -5.22
N PRO B 96 1.26 -1.22 -5.04
CA PRO B 96 1.95 -0.33 -5.97
C PRO B 96 2.01 -0.90 -7.38
N SER B 97 2.14 0.00 -8.36
CA SER B 97 2.22 -0.41 -9.75
C SER B 97 2.95 0.66 -10.55
N PHE B 98 3.63 0.20 -11.61
CA PHE B 98 4.51 1.03 -12.42
C PHE B 98 3.81 1.46 -13.71
N GLY B 99 4.23 2.61 -14.24
CA GLY B 99 4.01 2.90 -15.63
C GLY B 99 4.86 2.00 -16.51
N GLN B 100 4.60 2.05 -17.82
CA GLN B 100 5.34 1.18 -18.73
C GLN B 100 6.67 1.77 -19.17
N GLY B 101 6.91 3.05 -18.91
CA GLY B 101 8.24 3.60 -19.11
C GLY B 101 8.32 4.49 -20.34
N THR B 102 9.18 5.51 -20.24
CA THR B 102 9.43 6.44 -21.32
C THR B 102 10.93 6.58 -21.50
N LYS B 103 11.43 6.28 -22.71
CA LYS B 103 12.85 6.42 -22.99
C LYS B 103 13.14 7.78 -23.61
N VAL B 104 14.05 8.52 -23.00
CA VAL B 104 14.51 9.80 -23.53
C VAL B 104 15.77 9.54 -24.34
N GLU B 105 15.77 9.99 -25.59
CA GLU B 105 16.82 9.65 -26.54
C GLU B 105 17.46 10.91 -27.10
N ILE B 106 18.75 10.80 -27.45
CA ILE B 106 19.48 11.92 -28.04
C ILE B 106 18.99 12.15 -29.46
N LYS B 107 18.67 13.40 -29.78
CA LYS B 107 18.27 13.77 -31.13
C LYS B 107 19.47 14.17 -31.96
N ARG B 108 19.52 13.69 -33.21
CA ARG B 108 20.46 14.19 -34.20
C ARG B 108 19.79 14.14 -35.57
N THR B 109 20.56 14.52 -36.59
CA THR B 109 20.04 14.55 -37.95
C THR B 109 19.76 13.13 -38.46
N VAL B 110 18.78 13.02 -39.34
CA VAL B 110 18.50 11.74 -39.97
C VAL B 110 19.76 11.20 -40.63
N ALA B 111 19.97 9.89 -40.52
CA ALA B 111 21.16 9.26 -41.09
C ALA B 111 20.74 7.94 -41.72
N ALA B 112 20.99 7.80 -43.03
CA ALA B 112 20.66 6.56 -43.71
C ALA B 112 21.57 5.43 -43.25
N PRO B 113 21.05 4.21 -43.20
CA PRO B 113 21.91 3.07 -42.86
C PRO B 113 22.90 2.78 -43.98
N SER B 114 23.96 2.06 -43.61
CA SER B 114 24.68 1.26 -44.58
C SER B 114 24.20 -0.18 -44.44
N VAL B 115 24.11 -0.89 -45.57
CA VAL B 115 23.50 -2.21 -45.56
C VAL B 115 24.49 -3.22 -46.09
N PHE B 116 24.61 -4.35 -45.37
CA PHE B 116 25.49 -5.44 -45.77
C PHE B 116 24.76 -6.76 -45.64
N ILE B 117 24.95 -7.64 -46.62
CA ILE B 117 24.38 -8.98 -46.62
C ILE B 117 25.50 -9.99 -46.41
N PHE B 118 25.21 -11.03 -45.64
CA PHE B 118 26.18 -12.07 -45.32
C PHE B 118 25.58 -13.42 -45.65
N PRO B 119 26.11 -14.11 -46.67
CA PRO B 119 25.69 -15.47 -46.97
C PRO B 119 26.07 -16.42 -45.84
N PRO B 120 25.50 -17.61 -45.81
CA PRO B 120 25.87 -18.57 -44.77
C PRO B 120 27.29 -19.07 -44.97
N SER B 121 27.95 -19.35 -43.85
CA SER B 121 29.25 -20.01 -43.90
C SER B 121 29.07 -21.46 -44.31
N ASP B 122 30.01 -21.98 -45.11
CA ASP B 122 29.95 -23.38 -45.50
C ASP B 122 29.99 -24.28 -44.27
N GLU B 123 30.78 -23.89 -43.26
CA GLU B 123 30.94 -24.69 -42.05
C GLU B 123 29.61 -24.87 -41.33
N GLN B 124 28.69 -23.91 -41.44
CA GLN B 124 27.38 -24.08 -40.84
C GLN B 124 26.49 -24.96 -41.70
N LEU B 125 26.61 -24.84 -43.03
CA LEU B 125 25.85 -25.72 -43.91
C LEU B 125 26.23 -27.17 -43.68
N LYS B 126 27.50 -27.44 -43.35
CA LYS B 126 27.90 -28.79 -42.96
C LYS B 126 27.03 -29.36 -41.85
N SER B 127 26.59 -28.52 -40.92
CA SER B 127 25.81 -28.98 -39.77
C SER B 127 24.32 -29.09 -40.05
N GLY B 128 23.84 -28.65 -41.22
CA GLY B 128 22.49 -28.90 -41.65
C GLY B 128 21.53 -27.72 -41.59
N THR B 129 21.93 -26.62 -40.95
CA THR B 129 21.09 -25.43 -40.88
C THR B 129 21.82 -24.26 -41.55
N ALA B 130 21.07 -23.22 -41.90
CA ALA B 130 21.66 -22.12 -42.66
C ALA B 130 21.14 -20.78 -42.16
N SER B 131 22.04 -19.86 -41.82
CA SER B 131 21.67 -18.52 -41.43
C SER B 131 22.18 -17.52 -42.47
N VAL B 132 21.36 -16.51 -42.77
CA VAL B 132 21.73 -15.41 -43.66
C VAL B 132 21.50 -14.12 -42.89
N VAL B 133 22.48 -13.22 -42.92
CA VAL B 133 22.47 -12.09 -41.99
C VAL B 133 22.45 -10.78 -42.77
N CYS B 134 21.72 -9.80 -42.22
CA CYS B 134 21.64 -8.45 -42.78
C CYS B 134 22.02 -7.45 -41.69
N LEU B 135 22.93 -6.53 -42.03
CA LEU B 135 23.41 -5.52 -41.10
C LEU B 135 23.03 -4.14 -41.62
N LEU B 136 22.29 -3.39 -40.81
CA LEU B 136 21.96 -2.00 -41.04
C LEU B 136 22.80 -1.19 -40.05
N ASN B 137 23.75 -0.43 -40.56
CA ASN B 137 24.82 0.13 -39.75
C ASN B 137 24.68 1.64 -39.67
N ASN B 138 24.63 2.15 -38.43
CA ASN B 138 24.77 3.56 -38.10
C ASN B 138 23.73 4.44 -38.79
N PHE B 139 22.47 4.19 -38.44
CA PHE B 139 21.35 4.97 -38.93
C PHE B 139 20.64 5.67 -37.79
N TYR B 140 19.81 6.66 -38.15
CA TYR B 140 18.94 7.38 -37.23
C TYR B 140 17.84 8.01 -38.07
N PRO B 141 16.57 7.98 -37.61
CA PRO B 141 16.16 7.46 -36.30
C PRO B 141 16.00 5.95 -36.23
N ARG B 142 15.41 5.49 -35.13
CA ARG B 142 15.44 4.08 -34.76
C ARG B 142 14.61 3.22 -35.71
N GLU B 143 13.57 3.78 -36.32
CA GLU B 143 12.62 2.99 -37.10
C GLU B 143 13.20 2.61 -38.45
N ALA B 144 13.38 1.31 -38.69
CA ALA B 144 13.78 0.79 -39.99
C ALA B 144 13.09 -0.54 -40.22
N LYS B 145 12.85 -0.87 -41.50
CA LYS B 145 12.11 -2.07 -41.87
C LYS B 145 12.96 -2.94 -42.79
N VAL B 146 13.01 -4.23 -42.50
CA VAL B 146 13.84 -5.20 -43.20
C VAL B 146 12.91 -6.26 -43.81
N GLN B 147 12.83 -6.26 -45.14
CA GLN B 147 12.05 -7.25 -45.89
C GLN B 147 13.02 -8.27 -46.50
N TRP B 148 12.79 -9.54 -46.21
CA TRP B 148 13.62 -10.63 -46.71
C TRP B 148 12.99 -11.22 -47.97
N LYS B 149 13.77 -11.31 -49.04
CA LYS B 149 13.30 -11.86 -50.31
C LYS B 149 14.14 -13.07 -50.70
N VAL B 150 13.47 -14.12 -51.17
CA VAL B 150 14.13 -15.27 -51.78
C VAL B 150 13.47 -15.48 -53.14
N ASP B 151 14.20 -15.17 -54.21
CA ASP B 151 13.63 -15.17 -55.55
C ASP B 151 12.39 -14.27 -55.62
N ASN B 152 12.42 -13.19 -54.82
CA ASN B 152 11.36 -12.19 -54.67
C ASN B 152 10.15 -12.72 -53.91
N ALA B 153 10.26 -13.86 -53.24
CA ALA B 153 9.20 -14.39 -52.40
C ALA B 153 9.45 -13.94 -50.96
N LEU B 154 8.57 -13.09 -50.44
CA LEU B 154 8.73 -12.56 -49.09
C LEU B 154 8.11 -13.51 -48.07
N GLN B 155 8.78 -13.66 -46.93
CA GLN B 155 8.39 -14.63 -45.92
C GLN B 155 8.06 -13.93 -44.61
N SER B 156 7.72 -14.75 -43.62
CA SER B 156 7.41 -14.27 -42.29
C SER B 156 7.72 -15.38 -41.30
N GLY B 157 8.09 -14.97 -40.08
CA GLY B 157 8.26 -15.91 -38.99
C GLY B 157 9.55 -16.69 -38.98
N ASN B 158 10.43 -16.48 -39.96
CA ASN B 158 11.72 -17.18 -40.00
C ASN B 158 12.91 -16.23 -39.91
N SER B 159 12.69 -14.98 -39.51
CA SER B 159 13.76 -13.98 -39.48
C SER B 159 13.63 -13.16 -38.22
N GLN B 160 14.68 -13.17 -37.40
CA GLN B 160 14.70 -12.43 -36.14
C GLN B 160 15.56 -11.18 -36.27
N GLU B 161 15.38 -10.27 -35.31
CA GLU B 161 16.03 -8.96 -35.35
C GLU B 161 16.68 -8.65 -34.00
N SER B 162 17.60 -7.69 -34.04
CA SER B 162 18.23 -7.16 -32.84
C SER B 162 18.74 -5.76 -33.14
N VAL B 163 18.70 -4.89 -32.14
CA VAL B 163 19.11 -3.50 -32.28
C VAL B 163 20.02 -3.12 -31.11
N THR B 164 21.07 -2.38 -31.41
CA THR B 164 21.95 -1.81 -30.40
C THR B 164 21.33 -0.55 -29.80
N GLU B 165 21.83 -0.18 -28.63
CA GLU B 165 21.47 1.12 -28.08
C GLU B 165 22.16 2.23 -28.87
N GLN B 166 21.81 3.47 -28.57
CA GLN B 166 22.42 4.60 -29.24
C GLN B 166 23.93 4.58 -29.05
N ASP B 167 24.65 4.83 -30.13
CA ASP B 167 26.11 4.89 -30.03
C ASP B 167 26.52 6.08 -29.18
N SER B 168 27.54 5.88 -28.35
CA SER B 168 27.96 6.94 -27.45
C SER B 168 28.62 8.09 -28.20
N LYS B 169 29.24 7.80 -29.35
CA LYS B 169 29.98 8.81 -30.09
C LYS B 169 29.08 9.55 -31.09
N ASP B 170 28.32 8.84 -31.91
CA ASP B 170 27.58 9.46 -33.00
C ASP B 170 26.06 9.39 -32.86
N SER B 171 25.56 8.74 -31.81
CA SER B 171 24.13 8.72 -31.49
C SER B 171 23.29 7.95 -32.51
N THR B 172 23.88 6.98 -33.22
CA THR B 172 23.15 6.18 -34.20
C THR B 172 22.72 4.84 -33.61
N TYR B 173 21.99 4.10 -34.44
CA TYR B 173 21.58 2.73 -34.17
C TYR B 173 22.16 1.79 -35.22
N SER B 174 22.22 0.52 -34.86
CA SER B 174 22.53 -0.54 -35.80
C SER B 174 21.61 -1.72 -35.52
N LEU B 175 21.25 -2.43 -36.57
CA LEU B 175 20.29 -3.53 -36.51
C LEU B 175 20.84 -4.72 -37.27
N SER B 176 20.59 -5.91 -36.73
CA SER B 176 20.99 -7.16 -37.37
C SER B 176 19.77 -8.05 -37.51
N SER B 177 19.57 -8.59 -38.71
CA SER B 177 18.48 -9.50 -39.01
C SER B 177 19.05 -10.85 -39.42
N THR B 178 18.50 -11.92 -38.88
CA THR B 178 18.94 -13.28 -39.15
C THR B 178 17.78 -14.07 -39.73
N LEU B 179 17.87 -14.39 -41.02
CA LEU B 179 16.93 -15.28 -41.69
C LEU B 179 17.46 -16.71 -41.60
N THR B 180 16.63 -17.63 -41.12
CA THR B 180 17.06 -18.98 -40.82
C THR B 180 16.33 -19.97 -41.74
N LEU B 181 17.11 -20.85 -42.36
CA LEU B 181 16.61 -21.87 -43.27
C LEU B 181 17.11 -23.24 -42.83
N SER B 182 16.37 -24.27 -43.25
CA SER B 182 16.94 -25.59 -43.33
C SER B 182 17.93 -25.64 -44.49
N LYS B 183 18.99 -26.43 -44.34
CA LYS B 183 19.92 -26.59 -45.45
C LYS B 183 19.18 -27.04 -46.70
N ALA B 184 18.24 -27.97 -46.54
CA ALA B 184 17.37 -28.38 -47.64
C ALA B 184 16.80 -27.17 -48.38
N ASP B 185 16.04 -26.34 -47.66
CA ASP B 185 15.36 -25.22 -48.30
C ASP B 185 16.35 -24.17 -48.81
N TYR B 186 17.51 -24.05 -48.17
CA TYR B 186 18.54 -23.16 -48.71
C TYR B 186 19.02 -23.63 -50.08
N GLU B 187 19.21 -24.94 -50.25
CA GLU B 187 19.70 -25.48 -51.52
C GLU B 187 18.73 -25.17 -52.66
N LYS B 188 17.45 -24.97 -52.36
CA LYS B 188 16.38 -24.89 -53.35
C LYS B 188 16.18 -23.50 -53.96
N HIS B 189 17.11 -22.56 -53.79
CA HIS B 189 16.85 -21.20 -54.26
C HIS B 189 18.16 -20.53 -54.66
N LYS B 190 18.03 -19.45 -55.46
CA LYS B 190 19.18 -18.80 -56.07
C LYS B 190 19.44 -17.39 -55.54
N LEU B 191 18.49 -16.47 -55.66
CA LEU B 191 18.71 -15.07 -55.32
C LEU B 191 18.20 -14.78 -53.91
N TYR B 192 19.07 -14.21 -53.08
CA TYR B 192 18.74 -13.89 -51.69
C TYR B 192 18.95 -12.40 -51.48
N ALA B 193 17.89 -11.70 -51.07
CA ALA B 193 17.87 -10.25 -51.08
C ALA B 193 17.40 -9.70 -49.74
N CYS B 194 18.02 -8.57 -49.36
CA CYS B 194 17.62 -7.79 -48.19
C CYS B 194 17.14 -6.43 -48.69
N GLU B 195 15.93 -6.04 -48.30
CA GLU B 195 15.33 -4.77 -48.71
C GLU B 195 15.09 -3.94 -47.46
N VAL B 196 15.67 -2.75 -47.43
CA VAL B 196 15.72 -1.90 -46.25
C VAL B 196 15.00 -0.60 -46.55
N THR B 197 14.09 -0.23 -45.65
CA THR B 197 13.40 1.06 -45.72
C THR B 197 13.64 1.85 -44.44
N HIS B 198 13.88 3.14 -44.60
CA HIS B 198 14.25 4.02 -43.49
C HIS B 198 14.03 5.47 -43.93
N GLN B 199 13.74 6.33 -42.95
CA GLN B 199 13.34 7.70 -43.25
C GLN B 199 14.38 8.45 -44.07
N GLY B 200 15.65 8.09 -43.93
CA GLY B 200 16.69 8.72 -44.72
C GLY B 200 16.83 8.05 -46.07
N LEU B 201 15.84 7.25 -46.44
CA LEU B 201 15.86 6.49 -47.69
C LEU B 201 14.53 6.68 -48.41
N SER B 202 14.53 7.53 -49.44
CA SER B 202 13.33 7.69 -50.28
C SER B 202 13.00 6.38 -51.00
N SER B 203 13.90 5.94 -51.87
CA SER B 203 13.74 4.63 -52.49
C SER B 203 14.33 3.56 -51.57
N PRO B 204 13.59 2.51 -51.25
CA PRO B 204 14.17 1.39 -50.49
C PRO B 204 15.46 0.92 -51.13
N VAL B 205 16.42 0.50 -50.29
CA VAL B 205 17.71 0.04 -50.75
C VAL B 205 17.77 -1.47 -50.61
N THR B 206 18.31 -2.15 -51.61
CA THR B 206 18.36 -3.61 -51.58
C THR B 206 19.76 -4.09 -51.87
N LYS B 207 20.20 -5.08 -51.09
CA LYS B 207 21.46 -5.76 -51.30
C LYS B 207 21.19 -7.25 -51.38
N SER B 208 21.65 -7.89 -52.45
CA SER B 208 21.33 -9.28 -52.70
C SER B 208 22.55 -10.01 -53.23
N PHE B 209 22.61 -11.31 -52.95
CA PHE B 209 23.62 -12.18 -53.53
C PHE B 209 22.94 -13.35 -54.21
N ASN B 210 23.57 -13.82 -55.27
CA ASN B 210 23.16 -15.05 -55.94
C ASN B 210 23.95 -16.21 -55.35
N ARG B 211 23.24 -17.23 -54.87
CA ARG B 211 23.87 -18.32 -54.13
C ARG B 211 24.99 -18.95 -54.93
N GLY B 212 26.14 -19.11 -54.29
CA GLY B 212 27.27 -19.80 -54.88
C GLY B 212 27.98 -19.08 -56.02
N GLU B 213 28.34 -17.81 -55.80
CA GLU B 213 29.19 -17.05 -56.73
C GLU B 213 29.78 -15.83 -56.03
N GLU C 1 25.92 3.80 4.85
CA GLU C 1 25.11 3.28 3.75
C GLU C 1 24.80 1.80 3.94
N VAL C 2 23.59 1.40 3.57
CA VAL C 2 23.26 0.00 3.42
C VAL C 2 23.54 -0.45 1.99
N GLN C 3 23.61 -1.76 1.78
CA GLN C 3 23.70 -2.36 0.46
C GLN C 3 22.88 -3.64 0.46
N LEU C 4 22.00 -3.79 -0.51
CA LEU C 4 21.27 -5.04 -0.68
C LEU C 4 22.01 -5.90 -1.70
N VAL C 5 22.55 -7.02 -1.26
CA VAL C 5 23.26 -7.96 -2.12
C VAL C 5 22.34 -9.16 -2.34
N GLN C 6 21.99 -9.40 -3.60
CA GLN C 6 21.05 -10.46 -3.95
C GLN C 6 21.80 -11.74 -4.33
N SER C 7 21.07 -12.85 -4.30
CA SER C 7 21.60 -14.16 -4.66
C SER C 7 22.01 -14.19 -6.13
N GLY C 8 22.64 -15.28 -6.56
CA GLY C 8 23.16 -15.36 -7.90
C GLY C 8 22.13 -15.79 -8.92
N ALA C 9 22.52 -15.68 -10.19
CA ALA C 9 21.66 -16.04 -11.30
C ALA C 9 21.17 -17.47 -11.17
N GLU C 10 19.99 -17.74 -11.73
CA GLU C 10 19.35 -19.04 -11.63
C GLU C 10 18.86 -19.48 -13.01
N VAL C 11 19.01 -20.76 -13.29
CA VAL C 11 18.36 -21.40 -14.44
C VAL C 11 17.47 -22.49 -13.88
N LYS C 12 16.17 -22.37 -14.09
CA LYS C 12 15.19 -23.25 -13.50
C LYS C 12 14.37 -23.93 -14.58
N LYS C 13 14.00 -25.19 -14.32
CA LYS C 13 13.20 -25.94 -15.25
C LYS C 13 11.76 -25.47 -15.21
N ARG C 14 11.09 -25.55 -16.36
CA ARG C 14 9.65 -25.33 -16.43
C ARG C 14 8.95 -26.16 -15.36
N GLY C 15 8.16 -25.48 -14.53
CA GLY C 15 7.35 -26.14 -13.52
C GLY C 15 7.95 -26.17 -12.12
N SER C 16 9.23 -25.82 -11.96
CA SER C 16 9.87 -25.87 -10.67
C SER C 16 9.60 -24.57 -9.90
N SER C 17 10.27 -24.41 -8.76
CA SER C 17 10.20 -23.20 -7.95
C SER C 17 11.60 -22.62 -7.80
N VAL C 18 11.66 -21.39 -7.28
CA VAL C 18 12.93 -20.69 -7.09
C VAL C 18 12.79 -19.78 -5.88
N LYS C 19 13.90 -19.61 -5.15
CA LYS C 19 13.90 -18.84 -3.90
C LYS C 19 15.09 -17.88 -3.93
N VAL C 20 14.87 -16.68 -4.46
CA VAL C 20 15.91 -15.65 -4.45
C VAL C 20 16.02 -15.07 -3.04
N SER C 21 17.24 -14.69 -2.66
CA SER C 21 17.51 -14.07 -1.38
C SER C 21 18.14 -12.70 -1.58
N CYS C 22 18.08 -11.89 -0.52
CA CYS C 22 18.52 -10.49 -0.56
C CYS C 22 18.98 -10.13 0.84
N LYS C 23 20.26 -9.78 1.00
CA LYS C 23 20.85 -9.57 2.32
C LYS C 23 21.23 -8.11 2.51
N SER C 24 21.07 -7.61 3.75
CA SER C 24 20.98 -6.16 3.98
C SER C 24 22.33 -5.47 4.13
N SER C 25 23.35 -6.16 4.67
CA SER C 25 24.75 -5.79 4.50
C SER C 25 25.02 -4.29 4.75
N GLY C 26 24.96 -3.91 6.02
CA GLY C 26 25.36 -2.55 6.36
C GLY C 26 24.31 -1.76 7.11
N GLY C 27 23.49 -2.47 7.85
CA GLY C 27 22.35 -1.91 8.55
C GLY C 27 21.31 -3.01 8.40
N THR C 28 20.40 -3.07 9.35
CA THR C 28 19.34 -4.06 9.32
C THR C 28 18.09 -3.47 8.67
N PHE C 29 17.05 -4.28 8.60
CA PHE C 29 15.74 -3.99 7.99
C PHE C 29 14.90 -3.04 8.81
N SER C 30 15.43 -2.31 9.79
CA SER C 30 14.78 -2.13 11.09
C SER C 30 13.26 -2.03 11.04
N ASN C 31 12.70 -0.97 10.47
CA ASN C 31 11.25 -0.88 10.33
C ASN C 31 10.86 -0.54 8.89
N TYR C 32 11.79 -0.70 7.96
CA TYR C 32 11.53 -0.48 6.55
C TYR C 32 10.75 -1.65 5.96
N ALA C 33 10.41 -1.52 4.68
CA ALA C 33 9.75 -2.56 3.92
C ALA C 33 10.67 -3.01 2.80
N ILE C 34 10.63 -4.31 2.52
CA ILE C 34 11.37 -4.92 1.41
C ILE C 34 10.35 -5.30 0.34
N ASN C 35 10.49 -4.69 -0.83
CA ASN C 35 9.69 -4.96 -2.00
C ASN C 35 10.46 -5.86 -2.96
N TRP C 36 9.71 -6.63 -3.75
CA TRP C 36 10.27 -7.40 -4.84
C TRP C 36 9.65 -6.92 -6.15
N VAL C 37 10.49 -6.65 -7.13
CA VAL C 37 10.09 -6.01 -8.38
C VAL C 37 10.78 -6.75 -9.52
N ARG C 38 10.02 -7.20 -10.51
CA ARG C 38 10.65 -7.96 -11.58
C ARG C 38 10.56 -7.20 -12.89
N GLN C 39 11.42 -7.62 -13.83
CA GLN C 39 11.56 -6.94 -15.11
C GLN C 39 11.93 -7.98 -16.16
N ALA C 40 10.96 -8.33 -17.01
CA ALA C 40 11.26 -9.18 -18.16
C ALA C 40 12.15 -8.41 -19.13
N PRO C 41 12.98 -9.12 -19.91
CA PRO C 41 13.95 -8.42 -20.77
C PRO C 41 13.26 -7.64 -21.86
N GLY C 42 13.67 -6.38 -22.02
CA GLY C 42 12.98 -5.46 -22.90
C GLY C 42 11.73 -4.84 -22.32
N GLN C 43 11.12 -5.49 -21.31
CA GLN C 43 9.88 -5.03 -20.73
C GLN C 43 10.15 -4.09 -19.56
N GLY C 44 9.09 -3.70 -18.86
CA GLY C 44 9.18 -2.72 -17.79
C GLY C 44 9.12 -3.34 -16.40
N LEU C 45 9.20 -2.46 -15.41
CA LEU C 45 9.20 -2.89 -14.02
C LEU C 45 7.80 -3.30 -13.58
N GLU C 46 7.74 -4.29 -12.70
CA GLU C 46 6.47 -4.85 -12.26
C GLU C 46 6.57 -5.21 -10.79
N TRP C 47 5.80 -4.53 -9.95
CA TRP C 47 5.82 -4.79 -8.51
C TRP C 47 5.13 -6.11 -8.20
N MET C 48 5.84 -7.00 -7.48
CA MET C 48 5.34 -8.32 -7.17
C MET C 48 4.73 -8.42 -5.78
N GLY C 49 5.33 -7.75 -4.80
CA GLY C 49 4.87 -7.85 -3.43
C GLY C 49 5.89 -7.23 -2.51
N GLY C 50 5.59 -7.30 -1.23
CA GLY C 50 6.44 -6.71 -0.22
C GLY C 50 6.23 -7.34 1.12
N ILE C 51 7.16 -7.04 2.03
CA ILE C 51 7.12 -7.54 3.39
C ILE C 51 7.60 -6.42 4.31
N ILE C 52 6.99 -6.31 5.48
CA ILE C 52 7.47 -5.39 6.50
C ILE C 52 7.93 -6.26 7.67
N PRO C 53 9.24 -6.51 7.81
CA PRO C 53 9.69 -7.53 8.77
C PRO C 53 9.41 -7.22 10.22
N ILE C 54 9.44 -5.94 10.63
CA ILE C 54 9.20 -5.62 12.03
C ILE C 54 7.75 -5.91 12.41
N LEU C 55 6.84 -5.92 11.45
CA LEU C 55 5.55 -6.55 11.62
C LEU C 55 5.63 -7.95 11.00
N GLY C 56 4.58 -8.73 11.17
CA GLY C 56 4.58 -10.06 10.58
C GLY C 56 4.33 -10.14 9.10
N ILE C 57 3.84 -9.06 8.51
CA ILE C 57 2.91 -9.12 7.40
C ILE C 57 3.59 -8.93 6.05
N ALA C 58 3.03 -9.60 5.04
CA ALA C 58 3.51 -9.55 3.67
C ALA C 58 2.31 -9.47 2.74
N ASN C 59 2.45 -8.69 1.66
CA ASN C 59 1.35 -8.38 0.78
C ASN C 59 1.77 -8.57 -0.67
N TYR C 60 0.82 -8.92 -1.52
CA TYR C 60 1.15 -9.31 -2.90
C TYR C 60 0.22 -8.64 -3.90
N ALA C 61 0.78 -8.29 -5.05
CA ALA C 61 -0.04 -7.97 -6.21
C ALA C 61 -0.95 -9.15 -6.52
N GLN C 62 -2.19 -8.86 -6.89
CA GLN C 62 -3.17 -9.90 -7.16
C GLN C 62 -2.65 -10.91 -8.19
N LYS C 63 -1.93 -10.41 -9.21
CA LYS C 63 -1.43 -11.28 -10.27
C LYS C 63 -0.53 -12.38 -9.73
N PHE C 64 0.13 -12.15 -8.60
CA PHE C 64 1.09 -13.11 -8.05
C PHE C 64 0.60 -13.80 -6.80
N GLN C 65 -0.58 -13.43 -6.30
CA GLN C 65 -1.14 -14.09 -5.11
C GLN C 65 -1.28 -15.58 -5.35
N GLY C 66 -0.65 -16.37 -4.49
CA GLY C 66 -0.68 -17.82 -4.64
C GLY C 66 0.65 -18.40 -5.07
N ARG C 67 1.32 -17.73 -6.02
CA ARG C 67 2.58 -18.23 -6.55
C ARG C 67 3.80 -17.66 -5.84
N VAL C 68 3.65 -16.58 -5.08
CA VAL C 68 4.77 -15.85 -4.51
C VAL C 68 4.66 -15.88 -2.99
N THR C 69 5.75 -16.24 -2.34
CA THR C 69 5.87 -16.09 -0.89
C THR C 69 7.09 -15.22 -0.59
N ILE C 70 6.92 -14.28 0.33
CA ILE C 70 8.01 -13.39 0.72
C ILE C 70 8.19 -13.51 2.23
N THR C 71 9.43 -13.79 2.65
CA THR C 71 9.73 -14.03 4.05
C THR C 71 11.00 -13.28 4.43
N THR C 72 11.31 -13.29 5.73
CA THR C 72 12.59 -12.78 6.19
C THR C 72 13.17 -13.70 7.24
N ASP C 73 14.49 -13.66 7.33
CA ASP C 73 15.26 -14.09 8.48
C ASP C 73 15.79 -12.79 9.08
N GLU C 74 15.09 -12.30 10.11
CA GLU C 74 15.44 -11.00 10.68
C GLU C 74 16.77 -11.04 11.41
N SER C 75 17.14 -12.20 11.95
CA SER C 75 18.41 -12.32 12.65
C SER C 75 19.59 -12.07 11.71
N THR C 76 19.63 -12.78 10.59
CA THR C 76 20.67 -12.59 9.60
C THR C 76 20.34 -11.47 8.62
N SER C 77 19.24 -10.74 8.84
CA SER C 77 18.90 -9.54 8.07
C SER C 77 18.78 -9.85 6.58
N THR C 78 17.92 -10.82 6.28
CA THR C 78 17.80 -11.35 4.93
C THR C 78 16.34 -11.52 4.55
N ALA C 79 16.03 -11.27 3.29
CA ALA C 79 14.68 -11.40 2.76
C ALA C 79 14.69 -12.42 1.62
N TYR C 80 13.57 -13.13 1.46
CA TYR C 80 13.45 -14.17 0.46
C TYR C 80 12.17 -14.01 -0.34
N MET C 81 12.27 -14.32 -1.63
CA MET C 81 11.11 -14.38 -2.53
C MET C 81 11.12 -15.75 -3.20
N GLU C 82 10.04 -16.49 -3.02
CA GLU C 82 9.87 -17.82 -3.57
C GLU C 82 8.74 -17.78 -4.58
N LEU C 83 9.07 -18.05 -5.84
CA LEU C 83 8.11 -18.12 -6.93
C LEU C 83 8.03 -19.56 -7.43
N SER C 84 6.82 -20.12 -7.45
CA SER C 84 6.58 -21.51 -7.77
C SER C 84 5.81 -21.63 -9.08
N SER C 85 5.80 -22.85 -9.61
CA SER C 85 5.11 -23.18 -10.87
C SER C 85 5.59 -22.25 -12.00
N LEU C 86 6.91 -22.20 -12.18
CA LEU C 86 7.51 -21.23 -13.07
C LEU C 86 7.27 -21.58 -14.54
N ARG C 87 7.23 -20.53 -15.36
CA ARG C 87 6.99 -20.67 -16.79
C ARG C 87 7.92 -19.70 -17.52
N SER C 88 7.90 -19.76 -18.86
CA SER C 88 8.74 -18.88 -19.65
C SER C 88 8.44 -17.42 -19.38
N GLU C 89 7.18 -17.10 -19.04
CA GLU C 89 6.80 -15.72 -18.72
C GLU C 89 7.56 -15.19 -17.51
N ASP C 90 8.13 -16.06 -16.68
CA ASP C 90 8.80 -15.65 -15.45
C ASP C 90 10.30 -15.44 -15.65
N THR C 91 10.83 -15.70 -16.84
CA THR C 91 12.20 -15.35 -17.18
C THR C 91 12.38 -13.85 -17.04
N ALA C 92 13.20 -13.40 -16.08
CA ALA C 92 13.27 -11.97 -15.80
C ALA C 92 14.41 -11.70 -14.83
N VAL C 93 14.75 -10.42 -14.71
CA VAL C 93 15.58 -9.94 -13.61
C VAL C 93 14.66 -9.60 -12.44
N TYR C 94 14.95 -10.16 -11.27
CA TYR C 94 14.17 -9.92 -10.07
C TYR C 94 15.00 -9.07 -9.12
N TYR C 95 14.50 -7.87 -8.82
CA TYR C 95 15.12 -6.90 -7.96
C TYR C 95 14.48 -6.95 -6.58
N CYS C 96 15.29 -6.66 -5.57
CA CYS C 96 14.86 -6.45 -4.20
C CYS C 96 15.16 -5.00 -3.84
N ALA C 97 14.21 -4.34 -3.18
CA ALA C 97 14.38 -2.91 -2.94
C ALA C 97 13.69 -2.50 -1.64
N ARG C 98 14.27 -1.52 -0.96
CA ARG C 98 13.81 -1.10 0.35
C ARG C 98 13.15 0.27 0.27
N GLY C 99 12.15 0.46 1.14
CA GLY C 99 11.48 1.75 1.23
C GLY C 99 10.77 1.83 2.56
N TRP C 100 10.03 2.90 2.75
CA TRP C 100 9.13 2.95 3.91
C TRP C 100 8.02 1.93 3.74
N GLY C 101 7.62 1.33 4.85
CA GLY C 101 6.43 0.51 4.89
C GLY C 101 5.67 0.80 6.16
N ARG C 102 4.34 0.68 6.10
CA ARG C 102 3.57 1.22 7.21
C ARG C 102 2.22 0.53 7.35
N GLU C 103 1.89 0.16 8.59
CA GLU C 103 0.55 -0.30 8.94
C GLU C 103 -0.39 0.90 9.09
N GLN C 104 -1.63 0.73 8.63
CA GLN C 104 -2.59 1.81 8.57
C GLN C 104 -3.92 1.37 9.15
N LEU C 105 -4.51 2.23 9.98
CA LEU C 105 -5.88 2.02 10.43
C LEU C 105 -6.80 1.98 9.22
N ALA C 106 -7.65 0.98 9.17
CA ALA C 106 -8.62 0.85 8.10
C ALA C 106 -9.97 1.34 8.56
N PRO C 107 -10.87 1.71 7.64
CA PRO C 107 -12.24 2.04 8.04
C PRO C 107 -13.08 0.79 8.29
N HIS C 108 -12.62 -0.02 9.23
CA HIS C 108 -13.16 -1.34 9.49
C HIS C 108 -12.99 -1.65 10.97
N PRO C 109 -13.89 -2.44 11.56
CA PRO C 109 -13.74 -2.74 13.00
C PRO C 109 -12.51 -3.56 13.33
N SER C 110 -12.00 -4.36 12.41
CA SER C 110 -10.86 -5.21 12.75
C SER C 110 -9.72 -5.15 11.73
N GLN C 111 -10.03 -4.87 10.46
CA GLN C 111 -9.01 -4.92 9.42
C GLN C 111 -7.98 -3.80 9.59
N TYR C 112 -6.79 -4.06 9.03
CA TYR C 112 -5.74 -3.04 8.89
C TYR C 112 -5.20 -3.09 7.46
N TYR C 113 -4.69 -1.96 6.99
CA TYR C 113 -4.10 -1.86 5.66
C TYR C 113 -2.58 -1.75 5.77
N TYR C 114 -1.90 -2.05 4.67
CA TYR C 114 -0.44 -1.99 4.64
C TYR C 114 0.01 -1.25 3.40
N TYR C 115 0.77 -0.18 3.61
CA TYR C 115 1.20 0.73 2.56
C TYR C 115 2.69 0.55 2.34
N TYR C 116 3.08 0.42 1.08
CA TYR C 116 4.48 0.35 0.69
C TYR C 116 4.82 1.62 -0.09
N TYR C 117 5.77 2.39 0.41
CA TYR C 117 6.11 3.69 -0.16
C TYR C 117 7.24 3.53 -1.18
N GLY C 118 7.79 4.65 -1.65
CA GLY C 118 8.80 4.60 -2.70
C GLY C 118 10.06 3.86 -2.26
N MET C 119 10.74 3.26 -3.24
CA MET C 119 11.87 2.36 -3.00
C MET C 119 13.16 3.07 -3.40
N ASP C 120 14.00 3.38 -2.40
CA ASP C 120 15.19 4.18 -2.63
C ASP C 120 16.50 3.41 -2.56
N VAL C 121 16.52 2.23 -1.96
CA VAL C 121 17.73 1.40 -1.91
C VAL C 121 17.46 0.13 -2.69
N TRP C 122 18.24 -0.14 -3.73
CA TRP C 122 17.99 -1.27 -4.61
C TRP C 122 19.14 -2.27 -4.55
N GLY C 123 18.78 -3.54 -4.69
CA GLY C 123 19.78 -4.57 -4.91
C GLY C 123 20.22 -4.61 -6.36
N GLN C 124 21.23 -5.43 -6.62
CA GLN C 124 21.79 -5.51 -7.97
C GLN C 124 20.95 -6.37 -8.91
N GLY C 125 19.97 -7.09 -8.40
CA GLY C 125 19.11 -7.90 -9.26
C GLY C 125 19.63 -9.32 -9.43
N THR C 126 18.69 -10.24 -9.66
CA THR C 126 18.99 -11.64 -9.90
C THR C 126 18.32 -12.05 -11.21
N THR C 127 19.12 -12.45 -12.19
CA THR C 127 18.54 -13.00 -13.41
C THR C 127 18.09 -14.42 -13.15
N VAL C 128 16.85 -14.74 -13.53
CA VAL C 128 16.38 -16.12 -13.49
C VAL C 128 15.78 -16.45 -14.86
N THR C 129 16.25 -17.55 -15.44
CA THR C 129 15.84 -18.01 -16.75
C THR C 129 15.08 -19.32 -16.60
N VAL C 130 13.85 -19.34 -17.09
CA VAL C 130 13.01 -20.53 -17.07
C VAL C 130 13.06 -21.14 -18.45
N SER C 131 13.69 -22.31 -18.57
CA SER C 131 13.81 -23.00 -19.84
C SER C 131 14.05 -24.47 -19.58
N SER C 132 13.72 -25.28 -20.59
CA SER C 132 14.00 -26.71 -20.54
C SER C 132 15.32 -27.09 -21.20
N ALA C 133 15.92 -26.19 -21.97
CA ALA C 133 17.17 -26.48 -22.65
C ALA C 133 18.29 -26.69 -21.63
N SER C 134 19.38 -27.27 -22.12
CA SER C 134 20.53 -27.61 -21.28
C SER C 134 21.73 -26.77 -21.66
N THR C 135 22.65 -26.64 -20.69
CA THR C 135 23.89 -25.91 -20.91
C THR C 135 24.55 -26.32 -22.22
N LYS C 136 24.92 -25.31 -23.02
CA LYS C 136 25.45 -25.57 -24.35
C LYS C 136 26.27 -24.37 -24.80
N GLY C 137 27.51 -24.62 -25.19
CA GLY C 137 28.36 -23.59 -25.75
C GLY C 137 28.01 -23.34 -27.20
N PRO C 138 28.43 -22.20 -27.74
CA PRO C 138 27.98 -21.78 -29.07
C PRO C 138 28.85 -22.36 -30.18
N SER C 139 28.33 -22.25 -31.40
CA SER C 139 29.13 -22.38 -32.61
C SER C 139 29.36 -20.99 -33.18
N VAL C 140 30.57 -20.74 -33.65
CA VAL C 140 30.92 -19.44 -34.22
C VAL C 140 31.16 -19.62 -35.72
N PHE C 141 30.51 -18.78 -36.51
CA PHE C 141 30.67 -18.84 -37.96
C PHE C 141 31.10 -17.48 -38.49
N PRO C 142 31.99 -17.45 -39.47
CA PRO C 142 32.42 -16.15 -40.01
C PRO C 142 31.30 -15.50 -40.79
N LEU C 143 31.35 -14.17 -40.85
CA LEU C 143 30.48 -13.36 -41.68
C LEU C 143 31.44 -12.66 -42.62
N ALA C 144 31.66 -13.29 -43.78
CA ALA C 144 32.78 -12.96 -44.66
C ALA C 144 32.64 -11.55 -45.21
N PRO C 145 33.74 -10.79 -45.28
CA PRO C 145 33.68 -9.39 -45.72
C PRO C 145 33.01 -9.14 -47.06
N SER C 146 33.49 -9.78 -48.13
CA SER C 146 33.15 -9.41 -49.51
C SER C 146 33.58 -7.99 -49.83
N GLY C 152 36.48 0.12 -52.87
CA GLY C 152 36.23 0.64 -51.54
C GLY C 152 34.79 1.07 -51.29
N GLY C 153 34.59 1.92 -50.29
CA GLY C 153 35.68 2.43 -49.47
C GLY C 153 35.72 1.84 -48.08
N THR C 154 34.62 1.25 -47.63
CA THR C 154 34.52 0.69 -46.29
C THR C 154 33.81 -0.66 -46.36
N ALA C 155 34.32 -1.62 -45.59
CA ALA C 155 33.80 -2.99 -45.56
C ALA C 155 33.31 -3.32 -44.15
N ALA C 156 32.57 -4.42 -44.06
CA ALA C 156 32.03 -4.90 -42.79
C ALA C 156 32.19 -6.41 -42.73
N LEU C 157 32.57 -6.92 -41.56
CA LEU C 157 32.74 -8.36 -41.37
C LEU C 157 32.27 -8.74 -39.98
N GLY C 158 32.08 -10.03 -39.73
CA GLY C 158 31.56 -10.37 -38.43
C GLY C 158 31.69 -11.82 -38.00
N CYS C 159 31.04 -12.12 -36.88
CA CYS C 159 30.97 -13.44 -36.29
C CYS C 159 29.54 -13.70 -35.85
N LEU C 160 28.98 -14.84 -36.25
CA LEU C 160 27.68 -15.29 -35.78
C LEU C 160 27.90 -16.32 -34.67
N VAL C 161 27.42 -15.99 -33.47
CA VAL C 161 27.55 -16.83 -32.28
C VAL C 161 26.20 -17.48 -32.02
N LYS C 162 26.03 -18.72 -32.48
CA LYS C 162 24.72 -19.34 -32.59
C LYS C 162 24.59 -20.54 -31.66
N ASP C 163 23.34 -20.78 -31.23
CA ASP C 163 22.92 -22.03 -30.58
C ASP C 163 23.74 -22.30 -29.31
N TYR C 164 23.55 -21.41 -28.33
CA TYR C 164 24.18 -21.52 -27.02
C TYR C 164 23.14 -21.32 -25.92
N PHE C 165 23.49 -21.78 -24.71
CA PHE C 165 22.63 -21.65 -23.55
C PHE C 165 23.45 -21.93 -22.31
N PRO C 166 23.25 -21.18 -21.21
CA PRO C 166 22.38 -20.01 -21.16
C PRO C 166 23.15 -18.73 -21.44
N GLU C 167 22.50 -17.58 -21.28
CA GLU C 167 23.22 -16.33 -21.29
C GLU C 167 24.25 -16.33 -20.17
N PRO C 168 25.36 -15.59 -20.32
CA PRO C 168 25.68 -14.74 -21.46
C PRO C 168 26.80 -15.25 -22.36
N VAL C 169 27.02 -14.50 -23.45
CA VAL C 169 28.17 -14.65 -24.31
C VAL C 169 28.96 -13.36 -24.23
N THR C 170 30.29 -13.47 -24.29
CA THR C 170 31.14 -12.29 -24.48
C THR C 170 31.88 -12.42 -25.80
N VAL C 171 32.03 -11.29 -26.48
CA VAL C 171 32.71 -11.21 -27.77
C VAL C 171 33.71 -10.06 -27.71
N SER C 172 34.95 -10.33 -28.11
CA SER C 172 35.92 -9.28 -28.35
C SER C 172 36.49 -9.46 -29.76
N TRP C 173 37.27 -8.48 -30.21
CA TRP C 173 37.90 -8.54 -31.53
C TRP C 173 39.39 -8.31 -31.35
N ASN C 174 40.19 -9.15 -32.00
CA ASN C 174 41.66 -9.11 -31.89
C ASN C 174 42.09 -8.98 -30.43
N SER C 175 41.50 -9.84 -29.59
CA SER C 175 41.83 -9.94 -28.17
C SER C 175 41.56 -8.63 -27.42
N GLY C 176 40.63 -7.82 -27.91
CA GLY C 176 40.32 -6.55 -27.31
C GLY C 176 41.04 -5.37 -27.92
N ALA C 177 42.03 -5.61 -28.78
CA ALA C 177 42.77 -4.51 -29.41
C ALA C 177 41.91 -3.75 -30.41
N LEU C 178 40.86 -4.37 -30.94
CA LEU C 178 39.99 -3.76 -31.93
C LEU C 178 38.66 -3.43 -31.26
N THR C 179 38.36 -2.14 -31.14
CA THR C 179 37.13 -1.74 -30.46
C THR C 179 36.32 -0.73 -31.29
N SER C 180 37.00 0.10 -32.08
CA SER C 180 36.30 1.10 -32.86
C SER C 180 35.57 0.46 -34.03
N GLY C 181 34.31 0.84 -34.24
CA GLY C 181 33.51 0.30 -35.31
C GLY C 181 32.89 -1.04 -35.03
N VAL C 182 32.93 -1.50 -33.77
CA VAL C 182 32.37 -2.80 -33.39
C VAL C 182 30.96 -2.60 -32.88
N HIS C 183 30.06 -3.48 -33.31
CA HIS C 183 28.69 -3.56 -32.79
C HIS C 183 28.41 -5.01 -32.44
N THR C 184 28.27 -5.30 -31.15
CA THR C 184 27.86 -6.62 -30.70
C THR C 184 26.40 -6.54 -30.28
N PHE C 185 25.56 -7.32 -30.92
CA PHE C 185 24.13 -7.13 -30.80
C PHE C 185 23.57 -7.90 -29.61
N PRO C 186 22.40 -7.49 -29.12
CA PRO C 186 21.73 -8.27 -28.08
C PRO C 186 21.36 -9.65 -28.59
N ALA C 187 21.49 -10.64 -27.71
CA ALA C 187 21.16 -12.01 -28.09
C ALA C 187 19.67 -12.12 -28.39
N VAL C 188 19.34 -12.96 -29.36
CA VAL C 188 17.97 -13.33 -29.65
C VAL C 188 17.75 -14.75 -29.16
N LEU C 189 16.50 -15.06 -28.82
CA LEU C 189 16.12 -16.40 -28.38
C LEU C 189 15.28 -17.03 -29.48
N GLN C 190 15.73 -18.17 -30.00
CA GLN C 190 15.06 -18.85 -31.09
C GLN C 190 14.21 -20.00 -30.55
N SER C 191 13.25 -20.44 -31.37
CA SER C 191 12.23 -21.37 -30.93
C SER C 191 12.79 -22.72 -30.49
N SER C 192 14.08 -22.96 -30.69
CA SER C 192 14.73 -24.14 -30.13
C SER C 192 15.06 -23.97 -28.65
N GLY C 193 14.77 -22.82 -28.07
CA GLY C 193 15.19 -22.54 -26.71
C GLY C 193 16.65 -22.17 -26.57
N LEU C 194 17.34 -21.94 -27.68
CA LEU C 194 18.75 -21.56 -27.68
C LEU C 194 18.89 -20.08 -28.04
N TYR C 195 20.02 -19.51 -27.67
CA TYR C 195 20.29 -18.11 -27.98
C TYR C 195 21.25 -17.99 -29.16
N SER C 196 21.24 -16.81 -29.78
CA SER C 196 22.08 -16.54 -30.92
C SER C 196 22.26 -15.03 -31.04
N LEU C 197 23.49 -14.61 -31.30
CA LEU C 197 23.76 -13.19 -31.49
C LEU C 197 24.81 -13.02 -32.58
N SER C 198 25.03 -11.76 -32.96
CA SER C 198 26.01 -11.41 -33.96
C SER C 198 26.94 -10.35 -33.40
N SER C 199 28.16 -10.33 -33.92
CA SER C 199 29.11 -9.26 -33.64
C SER C 199 29.73 -8.83 -34.96
N VAL C 200 29.66 -7.55 -35.28
CA VAL C 200 30.18 -7.06 -36.55
C VAL C 200 31.17 -5.94 -36.27
N VAL C 201 32.00 -5.68 -37.27
CA VAL C 201 32.98 -4.60 -37.20
C VAL C 201 33.14 -4.01 -38.59
N THR C 202 33.26 -2.69 -38.63
CA THR C 202 33.41 -1.91 -39.85
C THR C 202 34.87 -1.48 -39.98
N VAL C 203 35.46 -1.76 -41.13
CA VAL C 203 36.89 -1.51 -41.35
C VAL C 203 37.08 -0.87 -42.71
N PRO C 204 38.24 -0.26 -42.95
CA PRO C 204 38.54 0.22 -44.30
C PRO C 204 38.63 -0.95 -45.27
N SER C 205 38.18 -0.71 -46.51
CA SER C 205 38.13 -1.78 -47.49
C SER C 205 39.53 -2.24 -47.86
N SER C 206 40.50 -1.31 -47.91
CA SER C 206 41.88 -1.70 -48.15
C SER C 206 42.47 -2.41 -46.94
N SER C 207 42.01 -2.07 -45.74
CA SER C 207 42.44 -2.75 -44.52
C SER C 207 42.23 -4.25 -44.56
N LEU C 208 41.44 -4.76 -45.52
CA LEU C 208 41.22 -6.20 -45.65
C LEU C 208 42.43 -6.93 -46.19
N GLY C 209 43.36 -6.22 -46.82
CA GLY C 209 44.58 -6.85 -47.30
C GLY C 209 45.61 -6.97 -46.21
N THR C 210 45.99 -5.82 -45.64
CA THR C 210 47.05 -5.79 -44.63
C THR C 210 46.71 -6.65 -43.42
N GLN C 211 45.61 -6.35 -42.75
CA GLN C 211 45.39 -6.83 -41.39
C GLN C 211 44.56 -8.10 -41.34
N THR C 212 44.54 -8.70 -40.15
CA THR C 212 43.79 -9.89 -39.81
C THR C 212 42.77 -9.55 -38.74
N TYR C 213 41.65 -10.27 -38.74
CA TYR C 213 40.56 -9.99 -37.80
C TYR C 213 40.11 -11.31 -37.18
N ILE C 214 40.21 -11.38 -35.85
CA ILE C 214 39.84 -12.56 -35.07
C ILE C 214 38.84 -12.14 -34.02
N CYS C 215 37.71 -12.83 -33.96
CA CYS C 215 36.76 -12.62 -32.87
C CYS C 215 36.94 -13.71 -31.82
N ASN C 216 36.89 -13.28 -30.56
CA ASN C 216 37.17 -14.11 -29.39
C ASN C 216 35.87 -14.22 -28.61
N VAL C 217 35.27 -15.40 -28.64
CA VAL C 217 33.97 -15.67 -28.02
C VAL C 217 34.22 -16.48 -26.76
N ASN C 218 33.69 -16.00 -25.64
CA ASN C 218 33.79 -16.69 -24.36
C ASN C 218 32.39 -17.00 -23.86
N HIS C 219 32.18 -18.25 -23.42
CA HIS C 219 30.92 -18.70 -22.84
C HIS C 219 31.25 -19.44 -21.55
N LYS C 220 31.03 -18.79 -20.41
CA LYS C 220 31.43 -19.30 -19.11
C LYS C 220 30.61 -20.49 -18.61
N PRO C 221 29.29 -20.54 -18.81
CA PRO C 221 28.53 -21.70 -18.31
C PRO C 221 28.97 -23.04 -18.88
N SER C 222 29.73 -23.06 -19.97
CA SER C 222 30.25 -24.30 -20.53
C SER C 222 31.76 -24.27 -20.74
N ASN C 223 32.45 -23.32 -20.09
CA ASN C 223 33.91 -23.22 -20.14
C ASN C 223 34.42 -23.20 -21.58
N THR C 224 33.72 -22.48 -22.44
CA THR C 224 34.00 -22.47 -23.87
C THR C 224 34.75 -21.22 -24.26
N LYS C 225 35.80 -21.39 -25.06
CA LYS C 225 36.57 -20.28 -25.64
C LYS C 225 36.82 -20.62 -27.10
N VAL C 226 36.34 -19.77 -28.01
CA VAL C 226 36.56 -19.97 -29.44
C VAL C 226 37.06 -18.67 -30.05
N ASP C 227 38.27 -18.71 -30.60
CA ASP C 227 38.73 -17.65 -31.48
C ASP C 227 38.48 -18.09 -32.92
N LYS C 228 37.92 -17.19 -33.72
CA LYS C 228 37.61 -17.48 -35.11
C LYS C 228 38.06 -16.31 -35.96
N LYS C 229 38.92 -16.59 -36.93
CA LYS C 229 39.35 -15.57 -37.88
C LYS C 229 38.34 -15.48 -39.01
N VAL C 230 38.21 -14.29 -39.57
CA VAL C 230 37.19 -13.98 -40.57
C VAL C 230 37.91 -13.46 -41.82
N GLU C 231 37.81 -14.23 -42.92
CA GLU C 231 38.59 -13.98 -44.13
C GLU C 231 37.72 -13.49 -45.28
N PRO C 232 38.26 -12.66 -46.17
CA PRO C 232 37.49 -12.21 -47.34
C PRO C 232 37.13 -13.31 -48.34
N LYS C 233 37.46 -14.57 -48.07
CA LYS C 233 37.04 -15.70 -48.94
C LYS C 233 37.53 -15.55 -50.38
C1 NAG D . -10.63 -18.63 18.03
C2 NAG D . -9.09 -18.53 17.88
C3 NAG D . -8.41 -19.92 17.86
C4 NAG D . -9.01 -20.90 18.84
C5 NAG D . -10.52 -20.89 18.69
C6 NAG D . -11.24 -21.86 19.60
C7 NAG D . -8.50 -16.51 16.59
C8 NAG D . -8.19 -15.98 15.22
N2 NAG D . -8.77 -17.82 16.65
O3 NAG D . -7.02 -19.74 18.18
O4 NAG D . -8.54 -22.21 18.52
O5 NAG D . -10.96 -19.58 19.03
O6 NAG D . -10.52 -22.10 20.80
O7 NAG D . -8.52 -15.79 17.58
C1 NAG D . -7.66 -22.67 19.57
C2 NAG D . -7.40 -24.14 19.32
C3 NAG D . -6.49 -24.71 20.40
C4 NAG D . -5.20 -23.89 20.46
C5 NAG D . -5.50 -22.40 20.59
C6 NAG D . -4.26 -21.54 20.46
C7 NAG D . -9.08 -25.49 18.14
C8 NAG D . -10.39 -26.21 18.24
N2 NAG D . -8.65 -24.89 19.25
O3 NAG D . -6.20 -26.07 20.10
O4 NAG D . -4.42 -24.31 21.58
O5 NAG D . -6.41 -21.96 19.57
O6 NAG D . -3.85 -21.44 19.10
O7 NAG D . -8.44 -25.45 17.09
C1 NAG E . -31.77 -0.52 43.06
C2 NAG E . -33.16 -0.23 42.46
C3 NAG E . -34.08 0.40 43.51
C4 NAG E . -34.14 -0.47 44.76
C5 NAG E . -32.73 -0.66 45.28
C6 NAG E . -32.67 -1.56 46.50
C7 NAG E . -32.98 0.14 40.04
C8 NAG E . -32.87 1.17 38.94
N2 NAG E . -33.06 0.62 41.29
O3 NAG E . -35.38 0.58 42.96
O4 NAG E . -34.93 0.14 45.78
O5 NAG E . -31.92 -1.28 44.27
O6 NAG E . -32.87 -2.93 46.14
O7 NAG E . -33.00 -1.05 39.81
C1 NAG E . -36.09 -0.66 46.10
C2 NAG E . -36.64 -0.18 47.45
C3 NAG E . -37.99 -0.86 47.76
C4 NAG E . -38.95 -0.76 46.58
C5 NAG E . -38.27 -1.30 45.34
C6 NAG E . -39.13 -1.18 44.10
C7 NAG E . -34.86 0.47 49.02
C8 NAG E . -33.94 0.03 50.12
N2 NAG E . -35.69 -0.45 48.52
O3 NAG E . -38.57 -0.24 48.90
O4 NAG E . -40.13 -1.50 46.85
O5 NAG E . -37.09 -0.53 45.09
O6 NAG E . -38.97 0.06 43.44
O7 NAG E . -34.86 1.63 48.60
C1 NAG F . -36.86 11.87 12.93
C2 NAG F . -37.57 12.29 14.20
C3 NAG F . -38.62 11.23 14.58
C4 NAG F . -39.53 10.87 13.41
C5 NAG F . -38.73 10.65 12.12
C6 NAG F . -39.61 10.60 10.90
C7 NAG F . -36.10 13.67 15.60
C8 NAG F . -35.15 13.69 16.75
N2 NAG F . -36.64 12.48 15.29
O3 NAG F . -39.41 11.73 15.67
O4 NAG F . -40.18 9.64 13.70
O5 NAG F . -37.79 11.72 11.90
O6 NAG F . -40.02 11.90 10.50
O7 NAG F . -36.38 14.68 14.96
C1 NAG F . -41.56 9.71 14.04
C2 NAG F . -42.04 8.24 14.16
C3 NAG F . -43.46 8.13 14.79
C4 NAG F . -43.61 9.05 16.00
C5 NAG F . -43.16 10.44 15.62
C6 NAG F . -43.27 11.44 16.77
C7 NAG F . -42.63 7.72 11.75
C8 NAG F . -43.60 8.87 11.71
N2 NAG F . -41.96 7.50 12.91
O3 NAG F . -43.67 6.78 15.19
O4 NAG F . -44.98 9.07 16.40
O5 NAG F . -41.79 10.39 15.24
O6 NAG F . -43.08 12.76 16.30
O7 NAG F . -42.45 7.00 10.77
C1 NAG G . -17.69 10.93 -1.29
C2 NAG G . -17.29 11.67 -2.56
C3 NAG G . -18.34 12.73 -2.91
C4 NAG G . -19.75 12.15 -2.92
C5 NAG G . -20.01 11.33 -1.65
C6 NAG G . -21.29 10.53 -1.71
C7 NAG G . -14.91 11.95 -3.13
C8 NAG G . -13.65 12.70 -2.83
N2 NAG G . -15.98 12.29 -2.40
O3 NAG G . -18.05 13.27 -4.20
O4 NAG G . -20.65 13.24 -2.96
O5 NAG G . -18.96 10.37 -1.45
O6 NAG G . -21.31 9.69 -2.85
O7 NAG G . -14.97 11.08 -4.00
C1 NAG G . -21.83 13.10 -3.79
C2 NAG G . -22.84 14.11 -3.24
C3 NAG G . -24.12 14.11 -4.07
C4 NAG G . -23.82 14.22 -5.56
C5 NAG G . -22.77 13.19 -5.96
C6 NAG G . -22.34 13.29 -7.40
C7 NAG G . -22.65 14.48 -0.80
C8 NAG G . -21.71 15.60 -1.12
N2 NAG G . -23.15 13.81 -1.85
O3 NAG G . -24.92 15.21 -3.67
O4 NAG G . -25.01 13.96 -6.29
O5 NAG G . -21.60 13.36 -5.15
O6 NAG G . -21.11 13.99 -7.53
O7 NAG G . -22.94 14.18 0.36
C1 BMA G . -25.56 15.18 -6.82
C2 BMA G . -26.17 14.81 -8.14
C3 BMA G . -26.76 16.03 -8.84
C4 BMA G . -27.42 17.10 -7.89
C5 BMA G . -27.02 17.01 -6.38
C6 BMA G . -28.18 17.37 -5.46
O2 BMA G . -27.25 13.89 -7.95
O3 BMA G . -27.72 15.61 -9.82
O4 BMA G . -27.11 18.40 -8.38
O5 BMA G . -26.57 15.70 -6.01
O6 BMA G . -28.18 18.77 -5.24
C1 MAN G . -27.12 15.60 -11.13
C2 MAN G . -28.25 15.35 -12.16
C3 MAN G . -27.69 14.45 -13.24
C4 MAN G . -27.40 13.09 -12.66
C5 MAN G . -26.51 13.22 -11.44
C6 MAN G . -25.26 12.35 -11.56
O2 MAN G . -28.65 16.56 -12.82
O3 MAN G . -26.51 15.01 -13.80
O4 MAN G . -28.60 12.48 -12.27
O5 MAN G . -26.08 14.61 -11.27
O6 MAN G . -24.45 12.56 -10.43
C1 FUC G . -17.64 14.65 -4.07
C2 FUC G . -17.00 15.05 -5.42
C3 FUC G . -18.05 15.53 -6.42
C4 FUC G . -18.80 16.69 -5.82
C5 FUC G . -19.59 16.17 -4.64
C6 FUC G . -20.33 17.28 -3.91
O2 FUC G . -16.23 13.99 -5.97
O3 FUC G . -17.42 16.00 -7.61
O4 FUC G . -17.87 17.66 -5.36
O5 FUC G . -18.75 15.51 -3.65
C1 FUC G . -22.66 9.24 -3.07
C2 FUC G . -22.75 8.70 -4.53
C3 FUC G . -22.00 7.38 -4.69
C4 FUC G . -22.44 6.37 -3.61
C5 FUC G . -22.29 6.99 -2.22
C6 FUC G . -22.88 6.11 -1.12
O2 FUC G . -22.29 9.66 -5.48
O3 FUC G . -22.30 6.81 -5.95
O4 FUC G . -23.78 5.98 -3.84
O5 FUC G . -23.00 8.25 -2.12
C1 NAG H . -44.51 -9.50 7.91
C2 NAG H . -45.60 -10.23 8.68
C3 NAG H . -46.86 -10.38 7.84
C4 NAG H . -47.33 -9.01 7.35
C5 NAG H . -46.21 -8.29 6.63
C6 NAG H . -46.56 -6.85 6.29
C7 NAG H . -45.01 -11.85 10.44
C8 NAG H . -44.53 -13.23 10.74
N2 NAG H . -45.15 -11.54 9.14
O3 NAG H . -47.89 -10.99 8.59
O4 NAG H . -48.44 -9.15 6.47
O5 NAG H . -45.02 -8.22 7.45
O6 NAG H . -47.24 -6.21 7.37
O7 NAG H . -45.26 -11.05 11.33
#